data_7JQW
#
_entry.id   7JQW
#
_cell.length_a   182.714
_cell.length_b   58.653
_cell.length_c   67.030
_cell.angle_alpha   90.000
_cell.angle_beta   94.980
_cell.angle_gamma   90.000
#
_symmetry.space_group_name_H-M   'C 1 2 1'
#
loop_
_entity.id
_entity.type
_entity.pdbx_description
1 polymer 'Tryptophan synthase alpha chain'
2 polymer 'Tryptophan synthase beta chain'
3 non-polymer 'DIMETHYL SULFOXIDE'
4 non-polymer 2-AMINOPHENOL
5 non-polymer 'CHLORIDE ION'
6 non-polymer (E)-N-({3-hydroxy-2-methyl-5-[(phosphonooxy)methyl]pyridin-4-yl}methylidene)-L-serine
7 non-polymer 1,2-ETHANEDIOL
8 non-polymer SERINE
9 non-polymer 'CESIUM ION'
10 water water
#
loop_
_entity_poly.entity_id
_entity_poly.type
_entity_poly.pdbx_seq_one_letter_code
_entity_poly.pdbx_strand_id
1 'polypeptide(L)'
;MERYENLFAQLNDRREGAFVPFVTLGDPGIEQSLKIIDTLIDAGADALELGVPFSDPLADGPTIQNANLRAFAAGVTPAQ
CFEMLALIREKHPTIPIGLLMYANLVFNNGIDAFYARCEQVGVDSVLVADVPVEESAPFRQAALRHNIAPIFICPPNADD
DLLRQVASYGRGYTYLLSRSGVTGAENRGALPLHHLIEKLKEYHAAPALQGFGISSPEQVSAAVRAGAAGAISGSAIVKI
IEKNLASPKQMLAELRSFVSAMKAASRA
;
A
2 'polypeptide(L)'
;MTTLLNPYFGEFGGMYVPQILMPALNQLEEAFVSAQKDPEFQAQFADLLKNYAGRPTALTKCQNITAGTRTTLYLKREDL
LHGGAHKTNQVLGQALLAKRMGKSEIIAETGAGQHGVASALASALLGLKCRIYMGAKDVERQSPNVFRMRLMGAEVIPVH
SGSATLKDACNEALRDWSGSYETAHYMLGTAAGPHPYPTIVREFQRMIGEETKAQILDKEGRLPDAVIACVGGGSNAIGM
FADFINDTSVGLIGVEPGGHGIETGEHGAPLKHGRVGIYFGMKAPMMQTADGQIEESYSISAGLDFPSVGPQHAYLNSIG
RADYVSITDDEALEAFKTLCRHEGIIPALESSHALAHALKMMREQPEKEQLLVVNLAGRGDKDIFTVHDILKARGEI
;
B
#
# COMPACT_ATOMS: atom_id res chain seq x y z
N MET A 1 11.10 -6.86 -28.44
CA MET A 1 10.39 -5.61 -28.71
C MET A 1 10.33 -5.28 -30.20
N GLU A 2 10.96 -6.13 -31.03
CA GLU A 2 10.96 -5.91 -32.48
C GLU A 2 9.56 -5.79 -33.05
N ARG A 3 8.59 -6.46 -32.44
CA ARG A 3 7.24 -6.49 -32.99
C ARG A 3 6.62 -5.10 -33.02
N TYR A 4 6.87 -4.29 -31.99
CA TYR A 4 6.37 -2.92 -32.02
C TYR A 4 7.03 -2.12 -33.14
N GLU A 5 8.35 -2.28 -33.29
CA GLU A 5 9.08 -1.69 -34.42
C GLU A 5 8.42 -2.05 -35.74
N ASN A 6 8.16 -3.34 -35.94
CA ASN A 6 7.58 -3.79 -37.19
C ASN A 6 6.16 -3.29 -37.36
N LEU A 7 5.35 -3.38 -36.30
CA LEU A 7 3.98 -2.89 -36.36
C LEU A 7 3.92 -1.43 -36.78
N PHE A 8 4.69 -0.56 -36.10
CA PHE A 8 4.55 0.87 -36.38
C PHE A 8 5.03 1.23 -37.78
N ALA A 9 6.08 0.56 -38.27
CA ALA A 9 6.50 0.78 -39.64
C ALA A 9 5.44 0.37 -40.63
N GLN A 10 4.78 -0.77 -40.39
CA GLN A 10 3.69 -1.17 -41.27
C GLN A 10 2.55 -0.16 -41.23
N LEU A 11 2.16 0.26 -40.02
CA LEU A 11 1.07 1.22 -39.90
C LEU A 11 1.43 2.55 -40.57
N ASN A 12 2.69 2.98 -40.45
CA ASN A 12 3.15 4.18 -41.14
C ASN A 12 3.00 4.05 -42.65
N ASP A 13 3.36 2.89 -43.20
CA ASP A 13 3.18 2.67 -44.63
C ASP A 13 1.71 2.67 -45.02
N ARG A 14 0.84 2.21 -44.13
CA ARG A 14 -0.60 2.27 -44.35
C ARG A 14 -1.22 3.58 -43.89
N ARG A 15 -0.40 4.50 -43.37
CA ARG A 15 -0.88 5.80 -42.87
C ARG A 15 -1.99 5.63 -41.85
N GLU A 16 -1.80 4.69 -40.92
CA GLU A 16 -2.77 4.34 -39.89
C GLU A 16 -2.16 4.53 -38.51
N GLY A 17 -3.03 4.85 -37.55
CA GLY A 17 -2.66 4.67 -36.16
C GLY A 17 -2.90 3.24 -35.70
N ALA A 18 -2.48 2.95 -34.48
CA ALA A 18 -2.70 1.64 -33.89
C ALA A 18 -3.94 1.66 -33.02
N PHE A 19 -4.76 0.62 -33.12
CA PHE A 19 -5.81 0.42 -32.14
C PHE A 19 -5.49 -0.81 -31.32
N VAL A 20 -5.45 -0.63 -30.00
CA VAL A 20 -4.97 -1.65 -29.07
C VAL A 20 -6.02 -1.87 -27.99
N PRO A 21 -6.69 -3.02 -27.97
CA PRO A 21 -7.61 -3.30 -26.86
C PRO A 21 -6.87 -3.88 -25.65
N PHE A 22 -7.40 -3.58 -24.47
CA PHE A 22 -6.96 -4.21 -23.23
C PHE A 22 -8.03 -5.15 -22.71
N VAL A 23 -7.61 -6.33 -22.23
CA VAL A 23 -8.48 -7.22 -21.48
C VAL A 23 -7.67 -7.86 -20.36
N THR A 24 -8.40 -8.41 -19.39
CA THR A 24 -7.82 -9.16 -18.30
C THR A 24 -7.76 -10.63 -18.70
N LEU A 25 -6.57 -11.22 -18.64
CA LEU A 25 -6.42 -12.63 -18.95
C LEU A 25 -7.28 -13.48 -18.02
N GLY A 26 -8.06 -14.38 -18.61
CA GLY A 26 -8.89 -15.28 -17.84
C GLY A 26 -10.26 -14.73 -17.49
N ASP A 27 -10.59 -13.52 -17.93
CA ASP A 27 -11.91 -12.95 -17.70
C ASP A 27 -12.80 -13.24 -18.90
N PRO A 28 -13.95 -13.92 -18.75
CA PRO A 28 -14.55 -14.48 -17.52
C PRO A 28 -13.99 -15.85 -17.14
N GLY A 29 -13.46 -16.59 -18.12
CA GLY A 29 -12.76 -17.83 -17.88
C GLY A 29 -11.58 -17.95 -18.81
N ILE A 30 -10.88 -19.08 -18.72
CA ILE A 30 -9.69 -19.24 -19.55
C ILE A 30 -10.07 -19.41 -21.01
N GLU A 31 -10.95 -20.38 -21.30
CA GLU A 31 -11.34 -20.61 -22.68
C GLU A 31 -12.09 -19.41 -23.26
N GLN A 32 -12.99 -18.82 -22.48
CA GLN A 32 -13.71 -17.63 -22.92
C GLN A 32 -12.72 -16.52 -23.29
N SER A 33 -11.77 -16.26 -22.41
CA SER A 33 -10.78 -15.20 -22.63
C SER A 33 -9.99 -15.44 -23.91
N LEU A 34 -9.51 -16.67 -24.11
CA LEU A 34 -8.78 -17.00 -25.33
C LEU A 34 -9.64 -16.71 -26.56
N LYS A 35 -10.92 -17.06 -26.50
CA LYS A 35 -11.80 -16.78 -27.63
C LYS A 35 -12.04 -15.28 -27.79
N ILE A 36 -12.24 -14.56 -26.68
CA ILE A 36 -12.31 -13.10 -26.76
C ILE A 36 -11.11 -12.54 -27.51
N ILE A 37 -9.90 -12.93 -27.07
CA ILE A 37 -8.69 -12.34 -27.62
C ILE A 37 -8.56 -12.63 -29.11
N ASP A 38 -8.90 -13.86 -29.53
CA ASP A 38 -8.83 -14.18 -30.96
C ASP A 38 -9.86 -13.37 -31.75
N THR A 39 -11.02 -13.11 -31.16
CA THR A 39 -12.00 -12.24 -31.79
C THR A 39 -11.48 -10.82 -31.91
N LEU A 40 -10.77 -10.34 -30.88
CA LEU A 40 -10.20 -9.00 -30.93
C LEU A 40 -9.23 -8.88 -32.11
N ILE A 41 -8.32 -9.84 -32.25
CA ILE A 41 -7.34 -9.80 -33.33
C ILE A 41 -8.04 -9.94 -34.67
N ASP A 42 -9.03 -10.84 -34.75
CA ASP A 42 -9.77 -11.05 -35.98
C ASP A 42 -10.47 -9.77 -36.43
N ALA A 43 -11.03 -9.02 -35.48
CA ALA A 43 -11.73 -7.78 -35.77
C ALA A 43 -10.80 -6.62 -36.06
N GLY A 44 -9.50 -6.81 -35.97
CA GLY A 44 -8.54 -5.82 -36.43
C GLY A 44 -7.68 -5.17 -35.37
N ALA A 45 -7.58 -5.74 -34.17
CA ALA A 45 -6.64 -5.23 -33.19
C ALA A 45 -5.21 -5.26 -33.74
N ASP A 46 -4.47 -4.19 -33.50
CA ASP A 46 -3.09 -4.07 -33.96
C ASP A 46 -2.10 -4.66 -32.97
N ALA A 47 -2.41 -4.58 -31.68
CA ALA A 47 -1.62 -5.15 -30.61
C ALA A 47 -2.57 -5.48 -29.48
N LEU A 48 -2.05 -6.10 -28.44
CA LEU A 48 -2.85 -6.47 -27.29
C LEU A 48 -2.17 -5.98 -26.01
N GLU A 49 -2.97 -5.39 -25.13
N GLU A 49 -2.97 -5.44 -25.10
CA GLU A 49 -2.56 -5.18 -23.74
CA GLU A 49 -2.55 -5.16 -23.74
C GLU A 49 -3.33 -6.19 -22.90
C GLU A 49 -3.33 -6.12 -22.83
N LEU A 50 -2.61 -6.97 -22.10
CA LEU A 50 -3.22 -8.05 -21.33
C LEU A 50 -2.90 -7.90 -19.84
N GLY A 51 -3.93 -7.94 -19.02
CA GLY A 51 -3.77 -7.78 -17.57
C GLY A 51 -3.72 -9.14 -16.89
N VAL A 52 -2.82 -9.27 -15.93
CA VAL A 52 -2.72 -10.49 -15.13
C VAL A 52 -3.48 -10.28 -13.83
N PRO A 53 -4.45 -11.13 -13.50
CA PRO A 53 -5.27 -10.89 -12.31
C PRO A 53 -4.44 -10.80 -11.05
N PHE A 54 -4.76 -9.81 -10.22
CA PHE A 54 -3.96 -9.46 -9.06
C PHE A 54 -4.89 -9.03 -7.93
N SER A 55 -4.47 -9.33 -6.69
CA SER A 55 -5.36 -9.18 -5.54
C SER A 55 -5.77 -7.74 -5.32
N ASP A 56 -4.86 -6.79 -5.54
CA ASP A 56 -5.11 -5.37 -5.26
C ASP A 56 -4.67 -4.50 -6.42
N PRO A 57 -5.46 -4.46 -7.50
CA PRO A 57 -5.12 -3.60 -8.65
C PRO A 57 -5.40 -2.14 -8.40
N LEU A 58 -4.44 -1.43 -7.79
CA LEU A 58 -4.65 -0.03 -7.43
C LEU A 58 -5.00 0.81 -8.66
N ALA A 59 -4.11 0.86 -9.64
CA ALA A 59 -4.21 1.81 -10.74
C ALA A 59 -5.41 1.54 -11.66
N ASP A 60 -6.24 0.57 -11.32
CA ASP A 60 -7.37 0.17 -12.14
C ASP A 60 -8.69 0.62 -11.52
N GLY A 61 -9.60 1.09 -12.37
CA GLY A 61 -10.89 1.59 -11.95
C GLY A 61 -11.92 0.49 -11.74
N PRO A 62 -13.21 0.85 -11.85
CA PRO A 62 -14.27 -0.10 -11.49
C PRO A 62 -14.51 -1.24 -12.48
N THR A 63 -14.53 -0.94 -13.78
CA THR A 63 -14.86 -1.99 -14.75
C THR A 63 -13.76 -3.05 -14.80
N ILE A 64 -12.50 -2.64 -14.77
CA ILE A 64 -11.42 -3.62 -14.80
C ILE A 64 -11.29 -4.30 -13.44
N GLN A 65 -11.63 -3.61 -12.35
CA GLN A 65 -11.65 -4.26 -11.04
C GLN A 65 -12.59 -5.45 -11.02
N ASN A 66 -13.72 -5.35 -11.74
CA ASN A 66 -14.63 -6.49 -11.81
C ASN A 66 -14.15 -7.55 -12.79
N ALA A 67 -13.45 -7.15 -13.85
CA ALA A 67 -12.79 -8.14 -14.71
C ALA A 67 -11.75 -8.93 -13.91
N ASN A 68 -10.96 -8.23 -13.10
CA ASN A 68 -9.99 -8.88 -12.23
C ASN A 68 -10.70 -9.84 -11.28
N LEU A 69 -11.82 -9.40 -10.70
CA LEU A 69 -12.57 -10.26 -9.78
C LEU A 69 -13.11 -11.50 -10.49
N ARG A 70 -13.59 -11.35 -11.73
CA ARG A 70 -14.12 -12.50 -12.45
C ARG A 70 -13.03 -13.51 -12.78
N ALA A 71 -11.83 -13.04 -13.10
CA ALA A 71 -10.73 -13.95 -13.36
C ALA A 71 -10.27 -14.63 -12.07
N PHE A 72 -10.29 -13.89 -10.95
CA PHE A 72 -10.01 -14.51 -9.65
C PHE A 72 -11.01 -15.62 -9.35
N ALA A 73 -12.30 -15.30 -9.44
CA ALA A 73 -13.35 -16.29 -9.23
C ALA A 73 -13.26 -17.46 -10.20
N ALA A 74 -12.42 -17.37 -11.24
CA ALA A 74 -12.17 -18.47 -12.14
C ALA A 74 -10.88 -19.22 -11.83
N GLY A 75 -10.21 -18.87 -10.73
CA GLY A 75 -8.99 -19.56 -10.36
C GLY A 75 -7.83 -19.36 -11.32
N VAL A 76 -7.87 -18.32 -12.15
CA VAL A 76 -6.79 -18.06 -13.08
C VAL A 76 -5.57 -17.59 -12.28
N THR A 77 -4.49 -18.37 -12.34
CA THR A 77 -3.24 -18.08 -11.64
C THR A 77 -2.22 -17.46 -12.59
N PRO A 78 -1.15 -16.86 -12.05
CA PRO A 78 -0.05 -16.42 -12.93
C PRO A 78 0.47 -17.51 -13.85
N ALA A 79 0.60 -18.75 -13.35
CA ALA A 79 1.10 -19.83 -14.20
C ALA A 79 0.18 -20.10 -15.38
N GLN A 80 -1.13 -20.12 -15.13
CA GLN A 80 -2.07 -20.32 -16.23
C GLN A 80 -2.04 -19.15 -17.20
N CYS A 81 -1.78 -17.95 -16.69
CA CYS A 81 -1.61 -16.78 -17.55
C CYS A 81 -0.44 -16.97 -18.51
N PHE A 82 0.69 -17.47 -17.99
CA PHE A 82 1.85 -17.72 -18.85
C PHE A 82 1.53 -18.75 -19.93
N GLU A 83 0.77 -19.79 -19.57
CA GLU A 83 0.35 -20.78 -20.56
C GLU A 83 -0.58 -20.16 -21.60
N MET A 84 -1.54 -19.36 -21.16
CA MET A 84 -2.40 -18.66 -22.12
C MET A 84 -1.57 -17.80 -23.05
N LEU A 85 -0.58 -17.08 -22.50
CA LEU A 85 0.22 -16.19 -23.32
C LEU A 85 1.01 -16.95 -24.38
N ALA A 86 1.58 -18.09 -24.01
CA ALA A 86 2.31 -18.90 -24.99
C ALA A 86 1.40 -19.32 -26.14
N LEU A 87 0.18 -19.74 -25.83
CA LEU A 87 -0.77 -20.13 -26.87
C LEU A 87 -1.15 -18.93 -27.74
N ILE A 88 -1.43 -17.78 -27.11
CA ILE A 88 -1.76 -16.59 -27.87
C ILE A 88 -0.62 -16.24 -28.82
N ARG A 89 0.61 -16.30 -28.33
CA ARG A 89 1.76 -16.04 -29.19
C ARG A 89 1.84 -17.07 -30.32
N GLU A 90 1.59 -18.35 -30.00
CA GLU A 90 1.69 -19.37 -31.04
C GLU A 90 0.61 -19.22 -32.10
N LYS A 91 -0.54 -18.63 -31.75
CA LYS A 91 -1.59 -18.40 -32.74
C LYS A 91 -1.30 -17.18 -33.61
N HIS A 92 -0.58 -16.20 -33.07
CA HIS A 92 -0.50 -14.87 -33.65
C HIS A 92 0.95 -14.42 -33.61
N PRO A 93 1.74 -14.76 -34.63
CA PRO A 93 3.20 -14.62 -34.50
C PRO A 93 3.71 -13.19 -34.55
N THR A 94 2.95 -12.27 -35.15
CA THR A 94 3.44 -10.92 -35.37
C THR A 94 2.83 -9.87 -34.44
N ILE A 95 1.67 -10.14 -33.85
CA ILE A 95 0.99 -9.08 -33.10
C ILE A 95 1.76 -8.78 -31.83
N PRO A 96 2.00 -7.51 -31.49
CA PRO A 96 2.71 -7.20 -30.26
C PRO A 96 1.84 -7.48 -29.04
N ILE A 97 2.46 -8.07 -28.01
CA ILE A 97 1.75 -8.47 -26.80
C ILE A 97 2.38 -7.74 -25.63
N GLY A 98 1.59 -6.91 -24.96
CA GLY A 98 2.04 -6.18 -23.78
C GLY A 98 1.29 -6.64 -22.55
N LEU A 99 2.02 -6.78 -21.45
CA LEU A 99 1.42 -7.16 -20.17
C LEU A 99 1.26 -5.92 -19.30
N LEU A 100 0.18 -5.90 -18.54
CA LEU A 100 -0.02 -4.95 -17.46
C LEU A 100 0.15 -5.69 -16.14
N MET A 101 1.26 -5.46 -15.45
CA MET A 101 1.60 -6.18 -14.24
C MET A 101 1.53 -5.25 -13.03
N TYR A 102 1.42 -5.85 -11.85
CA TYR A 102 1.75 -5.15 -10.61
C TYR A 102 3.06 -5.70 -10.06
N ALA A 103 3.77 -4.84 -9.31
CA ALA A 103 5.16 -5.11 -8.97
C ALA A 103 5.33 -6.43 -8.21
N ASN A 104 4.38 -6.78 -7.34
CA ASN A 104 4.61 -7.97 -6.51
C ASN A 104 4.61 -9.25 -7.33
N LEU A 105 3.81 -9.32 -8.39
CA LEU A 105 3.84 -10.50 -9.24
C LEU A 105 5.16 -10.61 -9.98
N VAL A 106 5.71 -9.48 -10.43
CA VAL A 106 7.00 -9.53 -11.11
C VAL A 106 8.09 -9.90 -10.13
N PHE A 107 8.03 -9.33 -8.91
CA PHE A 107 9.02 -9.61 -7.89
C PHE A 107 8.88 -11.00 -7.29
N ASN A 108 7.67 -11.58 -7.31
CA ASN A 108 7.34 -12.70 -6.43
C ASN A 108 8.28 -13.89 -6.61
N ASN A 109 8.56 -14.26 -7.87
CA ASN A 109 9.44 -15.39 -8.13
C ASN A 109 10.77 -14.96 -8.71
N GLY A 110 11.21 -13.74 -8.39
CA GLY A 110 12.43 -13.20 -8.99
C GLY A 110 12.12 -12.33 -10.20
N ILE A 111 12.65 -11.10 -10.19
CA ILE A 111 12.38 -10.18 -11.30
C ILE A 111 12.95 -10.74 -12.59
N ASP A 112 14.20 -11.18 -12.55
CA ASP A 112 14.82 -11.68 -13.78
C ASP A 112 14.13 -12.94 -14.27
N ALA A 113 13.71 -13.81 -13.34
CA ALA A 113 12.98 -15.01 -13.72
C ALA A 113 11.66 -14.65 -14.40
N PHE A 114 10.99 -13.59 -13.91
CA PHE A 114 9.71 -13.21 -14.48
C PHE A 114 9.87 -12.80 -15.93
N TYR A 115 10.83 -11.90 -16.21
CA TYR A 115 11.05 -11.46 -17.57
C TYR A 115 11.59 -12.60 -18.44
N ALA A 116 12.38 -13.52 -17.87
CA ALA A 116 12.81 -14.69 -18.63
C ALA A 116 11.60 -15.52 -19.08
N ARG A 117 10.61 -15.66 -18.21
CA ARG A 117 9.40 -16.41 -18.58
C ARG A 117 8.58 -15.65 -19.61
N CYS A 118 8.51 -14.32 -19.49
CA CYS A 118 7.89 -13.50 -20.53
C CYS A 118 8.58 -13.70 -21.87
N GLU A 119 9.92 -13.67 -21.88
CA GLU A 119 10.64 -13.93 -23.13
C GLU A 119 10.29 -15.30 -23.69
N GLN A 120 10.24 -16.32 -22.82
CA GLN A 120 9.99 -17.67 -23.30
C GLN A 120 8.62 -17.80 -23.98
N VAL A 121 7.59 -17.14 -23.44
CA VAL A 121 6.26 -17.31 -24.00
C VAL A 121 5.96 -16.35 -25.15
N GLY A 122 6.81 -15.35 -25.37
CA GLY A 122 6.67 -14.45 -26.49
C GLY A 122 6.14 -13.07 -26.20
N VAL A 123 6.20 -12.61 -24.95
CA VAL A 123 5.73 -11.28 -24.59
C VAL A 123 6.67 -10.25 -25.17
N ASP A 124 6.11 -9.13 -25.62
CA ASP A 124 6.93 -8.08 -26.21
C ASP A 124 7.21 -6.91 -25.28
N SER A 125 6.33 -6.64 -24.33
CA SER A 125 6.48 -5.46 -23.47
C SER A 125 5.82 -5.72 -22.12
N VAL A 126 6.32 -5.04 -21.08
CA VAL A 126 5.71 -5.10 -19.76
C VAL A 126 5.63 -3.69 -19.18
N LEU A 127 4.43 -3.30 -18.75
CA LEU A 127 4.20 -2.12 -17.93
C LEU A 127 3.91 -2.58 -16.51
N VAL A 128 4.71 -2.14 -15.55
CA VAL A 128 4.46 -2.45 -14.14
C VAL A 128 3.78 -1.21 -13.55
N ALA A 129 2.48 -1.33 -13.24
CA ALA A 129 1.66 -0.15 -12.97
C ALA A 129 2.11 0.63 -11.73
N ASP A 130 2.65 -0.05 -10.71
CA ASP A 130 3.03 0.61 -9.46
C ASP A 130 4.54 0.74 -9.32
N VAL A 131 5.25 0.80 -10.44
CA VAL A 131 6.67 1.10 -10.45
C VAL A 131 6.84 2.43 -11.20
N PRO A 132 7.24 3.52 -10.52
CA PRO A 132 7.51 4.77 -11.24
C PRO A 132 8.89 4.73 -11.87
N VAL A 133 9.15 5.72 -12.75
CA VAL A 133 10.47 5.86 -13.34
C VAL A 133 11.56 5.80 -12.27
N GLU A 134 11.28 6.43 -11.12
CA GLU A 134 12.28 6.56 -10.09
C GLU A 134 12.65 5.23 -9.43
N GLU A 135 11.80 4.22 -9.57
CA GLU A 135 12.07 2.89 -9.04
C GLU A 135 12.34 1.87 -10.14
N SER A 136 12.44 2.31 -11.40
CA SER A 136 12.26 1.35 -12.48
C SER A 136 13.53 0.57 -12.85
N ALA A 137 14.70 1.02 -12.40
CA ALA A 137 15.96 0.44 -12.88
C ALA A 137 16.02 -1.08 -12.88
N PRO A 138 15.76 -1.79 -11.76
CA PRO A 138 15.85 -3.26 -11.81
C PRO A 138 14.88 -3.90 -12.78
N PHE A 139 13.69 -3.32 -12.95
CA PHE A 139 12.70 -3.87 -13.87
C PHE A 139 13.12 -3.62 -15.32
N ARG A 140 13.49 -2.37 -15.63
CA ARG A 140 14.06 -2.01 -16.92
C ARG A 140 15.21 -2.95 -17.33
N GLN A 141 16.15 -3.19 -16.42
CA GLN A 141 17.32 -3.98 -16.77
C GLN A 141 16.95 -5.42 -17.08
N ALA A 142 16.11 -6.03 -16.22
CA ALA A 142 15.64 -7.38 -16.46
C ALA A 142 14.83 -7.46 -17.75
N ALA A 143 14.02 -6.44 -18.03
CA ALA A 143 13.24 -6.43 -19.27
C ALA A 143 14.16 -6.43 -20.49
N LEU A 144 15.07 -5.46 -20.56
CA LEU A 144 15.96 -5.36 -21.71
C LEU A 144 16.81 -6.61 -21.88
N ARG A 145 17.28 -7.20 -20.77
CA ARG A 145 18.08 -8.42 -20.84
C ARG A 145 17.33 -9.56 -21.49
N HIS A 146 16.00 -9.52 -21.48
CA HIS A 146 15.20 -10.57 -22.04
C HIS A 146 14.43 -10.08 -23.26
N ASN A 147 14.91 -9.01 -23.89
CA ASN A 147 14.33 -8.45 -25.10
C ASN A 147 12.87 -8.03 -24.90
N ILE A 148 12.52 -7.65 -23.68
CA ILE A 148 11.20 -7.11 -23.35
C ILE A 148 11.30 -5.59 -23.31
N ALA A 149 10.35 -4.92 -23.95
CA ALA A 149 10.26 -3.47 -23.85
C ALA A 149 9.68 -3.04 -22.50
N PRO A 150 10.35 -2.17 -21.76
CA PRO A 150 9.72 -1.60 -20.56
C PRO A 150 8.85 -0.41 -20.92
N ILE A 151 7.57 -0.48 -20.56
CA ILE A 151 6.62 0.56 -20.89
C ILE A 151 6.51 1.53 -19.73
N PHE A 152 6.71 2.82 -20.00
CA PHE A 152 6.48 3.86 -19.00
C PHE A 152 5.20 4.63 -19.27
N ILE A 153 4.52 4.99 -18.19
CA ILE A 153 3.34 5.86 -18.25
C ILE A 153 3.79 7.31 -18.26
N CYS A 154 3.29 8.07 -19.24
CA CYS A 154 3.48 9.51 -19.26
C CYS A 154 2.18 10.17 -18.79
N PRO A 155 2.11 10.68 -17.57
CA PRO A 155 0.83 11.08 -17.00
C PRO A 155 0.47 12.50 -17.41
N PRO A 156 -0.77 12.94 -17.13
CA PRO A 156 -1.14 14.32 -17.44
C PRO A 156 -0.27 15.35 -16.71
N ASN A 157 0.09 15.09 -15.46
CA ASN A 157 0.91 16.02 -14.68
C ASN A 157 2.41 15.83 -14.91
N ALA A 158 2.79 15.27 -16.06
CA ALA A 158 4.20 15.15 -16.40
C ALA A 158 4.84 16.51 -16.59
N ASP A 159 6.15 16.58 -16.33
CA ASP A 159 6.93 17.78 -16.61
C ASP A 159 8.11 17.40 -17.51
N ASP A 160 9.04 18.32 -17.73
CA ASP A 160 10.05 18.10 -18.76
C ASP A 160 11.08 17.06 -18.34
N ASP A 161 11.43 17.01 -17.05
CA ASP A 161 12.32 15.96 -16.58
C ASP A 161 11.73 14.58 -16.83
N LEU A 162 10.42 14.42 -16.56
CA LEU A 162 9.79 13.13 -16.78
C LEU A 162 9.75 12.77 -18.25
N LEU A 163 9.38 13.72 -19.11
CA LEU A 163 9.37 13.46 -20.55
C LEU A 163 10.72 12.94 -21.02
N ARG A 164 11.81 13.54 -20.56
CA ARG A 164 13.14 13.09 -20.97
C ARG A 164 13.46 11.72 -20.41
N GLN A 165 13.05 11.46 -19.16
CA GLN A 165 13.22 10.14 -18.58
C GLN A 165 12.46 9.09 -19.38
N VAL A 166 11.17 9.36 -19.62
CA VAL A 166 10.34 8.40 -20.35
C VAL A 166 10.89 8.15 -21.74
N ALA A 167 11.33 9.21 -22.41
CA ALA A 167 11.88 9.05 -23.74
C ALA A 167 13.19 8.27 -23.73
N SER A 168 13.99 8.40 -22.67
CA SER A 168 15.27 7.74 -22.60
C SER A 168 15.13 6.25 -22.30
N TYR A 169 14.27 5.90 -21.36
CA TYR A 169 14.27 4.54 -20.84
C TYR A 169 13.17 3.65 -21.43
N GLY A 170 12.16 4.23 -22.05
CA GLY A 170 11.08 3.43 -22.58
C GLY A 170 11.41 2.83 -23.94
N ARG A 171 10.79 1.69 -24.22
CA ARG A 171 10.91 1.05 -25.52
C ARG A 171 9.52 0.57 -25.94
N GLY A 172 9.39 0.26 -27.23
CA GLY A 172 8.14 -0.30 -27.72
C GLY A 172 7.11 0.80 -27.95
N TYR A 173 6.50 1.28 -26.87
CA TYR A 173 5.63 2.43 -26.96
C TYR A 173 5.66 3.19 -25.63
N THR A 174 5.20 4.43 -25.69
CA THR A 174 4.95 5.25 -24.51
C THR A 174 3.46 5.19 -24.19
N TYR A 175 3.13 4.96 -22.92
CA TYR A 175 1.73 4.87 -22.50
C TYR A 175 1.32 6.28 -22.10
N LEU A 176 0.59 6.94 -22.97
CA LEU A 176 0.17 8.32 -22.77
C LEU A 176 -1.21 8.33 -22.11
N LEU A 177 -1.28 8.87 -20.90
CA LEU A 177 -2.57 9.00 -20.21
C LEU A 177 -3.31 10.25 -20.68
N LEU A 193 -1.87 18.60 -24.25
CA LEU A 193 -1.78 17.25 -24.78
C LEU A 193 -0.99 17.23 -26.09
N HIS A 194 -1.34 18.13 -27.01
CA HIS A 194 -0.64 18.21 -28.29
C HIS A 194 0.81 18.62 -28.09
N HIS A 195 1.08 19.46 -27.10
CA HIS A 195 2.47 19.84 -26.82
C HIS A 195 3.27 18.66 -26.28
N LEU A 196 2.63 17.77 -25.50
CA LEU A 196 3.37 16.67 -24.89
C LEU A 196 3.80 15.65 -25.93
N ILE A 197 2.96 15.40 -26.95
CA ILE A 197 3.37 14.50 -28.02
C ILE A 197 4.52 15.10 -28.80
N GLU A 198 4.48 16.41 -29.03
CA GLU A 198 5.58 17.11 -29.68
C GLU A 198 6.90 16.86 -28.98
N LYS A 199 6.93 17.00 -27.66
CA LYS A 199 8.18 16.82 -26.92
C LYS A 199 8.63 15.37 -26.94
N LEU A 200 7.69 14.44 -26.76
CA LEU A 200 8.03 13.02 -26.89
C LEU A 200 8.70 12.73 -28.23
N LYS A 201 8.17 13.31 -29.31
CA LYS A 201 8.78 13.09 -30.63
C LYS A 201 10.15 13.75 -30.70
N GLU A 202 10.25 15.01 -30.28
CA GLU A 202 11.54 15.69 -30.21
C GLU A 202 12.56 14.91 -29.39
N TYR A 203 12.10 14.23 -28.34
CA TYR A 203 12.99 13.49 -27.45
C TYR A 203 13.24 12.07 -27.92
N HIS A 204 12.70 11.69 -29.09
CA HIS A 204 12.87 10.36 -29.67
C HIS A 204 12.31 9.26 -28.77
N ALA A 205 11.23 9.56 -28.07
CA ALA A 205 10.57 8.56 -27.24
C ALA A 205 9.97 7.47 -28.13
N ALA A 206 9.70 6.31 -27.51
CA ALA A 206 8.95 5.29 -28.20
C ALA A 206 7.58 5.85 -28.60
N PRO A 207 7.04 5.44 -29.75
CA PRO A 207 5.76 6.00 -30.23
C PRO A 207 4.69 5.96 -29.15
N ALA A 208 3.94 7.05 -29.05
CA ALA A 208 2.99 7.24 -27.96
C ALA A 208 1.63 6.63 -28.31
N LEU A 209 1.09 5.85 -27.38
CA LEU A 209 -0.29 5.41 -27.46
C LEU A 209 -1.09 6.05 -26.34
N GLN A 210 -2.17 6.72 -26.69
CA GLN A 210 -3.03 7.35 -25.69
C GLN A 210 -3.98 6.33 -25.08
N GLY A 211 -4.04 6.29 -23.76
CA GLY A 211 -4.98 5.44 -23.06
C GLY A 211 -5.90 6.23 -22.16
N PHE A 212 -6.64 5.53 -21.30
CA PHE A 212 -7.39 6.11 -20.18
C PHE A 212 -8.65 6.86 -20.57
N GLY A 213 -8.92 7.06 -21.86
CA GLY A 213 -10.12 7.77 -22.24
C GLY A 213 -10.82 7.28 -23.48
N ILE A 214 -10.31 6.20 -24.07
CA ILE A 214 -10.64 5.81 -25.43
C ILE A 214 -11.84 4.87 -25.40
N SER A 215 -13.02 5.41 -25.71
CA SER A 215 -14.25 4.62 -25.65
C SER A 215 -15.10 4.69 -26.92
N SER A 216 -14.73 5.49 -27.91
CA SER A 216 -15.54 5.58 -29.12
C SER A 216 -14.62 5.89 -30.30
N PRO A 217 -15.07 5.59 -31.53
CA PRO A 217 -14.19 5.84 -32.69
C PRO A 217 -13.68 7.26 -32.79
N GLU A 218 -14.47 8.25 -32.37
CA GLU A 218 -14.01 9.64 -32.49
C GLU A 218 -12.73 9.86 -31.70
N GLN A 219 -12.60 9.21 -30.56
CA GLN A 219 -11.42 9.40 -29.74
C GLN A 219 -10.20 8.72 -30.34
N VAL A 220 -10.39 7.60 -31.06
CA VAL A 220 -9.25 6.99 -31.75
C VAL A 220 -8.74 7.94 -32.83
N SER A 221 -9.66 8.47 -33.64
CA SER A 221 -9.28 9.42 -34.67
C SER A 221 -8.62 10.65 -34.06
N ALA A 222 -9.15 11.14 -32.94
CA ALA A 222 -8.58 12.31 -32.29
C ALA A 222 -7.13 12.07 -31.88
N ALA A 223 -6.85 10.91 -31.29
CA ALA A 223 -5.50 10.62 -30.84
C ALA A 223 -4.51 10.59 -32.00
N VAL A 224 -4.89 9.96 -33.11
CA VAL A 224 -4.03 9.91 -34.28
C VAL A 224 -3.83 11.31 -34.85
N ARG A 225 -4.92 12.07 -34.92
CA ARG A 225 -4.85 13.44 -35.41
C ARG A 225 -3.93 14.28 -34.54
N ALA A 226 -3.94 14.04 -33.23
CA ALA A 226 -3.07 14.76 -32.31
C ALA A 226 -1.60 14.43 -32.50
N GLY A 227 -1.27 13.37 -33.23
CA GLY A 227 0.11 12.93 -33.39
C GLY A 227 0.47 11.66 -32.64
N ALA A 228 -0.43 11.09 -31.86
CA ALA A 228 -0.13 9.81 -31.24
C ALA A 228 -0.09 8.72 -32.31
N ALA A 229 0.63 7.64 -31.99
CA ALA A 229 0.73 6.51 -32.88
C ALA A 229 -0.48 5.60 -32.82
N GLY A 230 -1.40 5.85 -31.89
CA GLY A 230 -2.58 5.02 -31.75
C GLY A 230 -3.24 5.24 -30.40
N ALA A 231 -4.15 4.34 -30.07
CA ALA A 231 -4.92 4.45 -28.84
C ALA A 231 -5.16 3.08 -28.23
N ILE A 232 -5.25 3.05 -26.91
CA ILE A 232 -5.53 1.84 -26.15
C ILE A 232 -6.91 1.97 -25.52
N SER A 233 -7.75 0.96 -25.69
CA SER A 233 -9.09 0.98 -25.10
C SER A 233 -9.21 -0.16 -24.11
N GLY A 234 -9.56 0.16 -22.87
CA GLY A 234 -9.63 -0.77 -21.76
C GLY A 234 -11.05 -1.03 -21.35
N SER A 235 -11.52 -0.23 -20.39
CA SER A 235 -12.88 -0.31 -19.88
C SER A 235 -13.92 -0.58 -20.97
N ALA A 236 -13.86 0.17 -22.08
CA ALA A 236 -14.88 0.01 -23.11
C ALA A 236 -14.94 -1.41 -23.62
N ILE A 237 -13.79 -2.05 -23.80
CA ILE A 237 -13.75 -3.45 -24.25
C ILE A 237 -14.31 -4.35 -23.16
N VAL A 238 -13.83 -4.18 -21.93
CA VAL A 238 -14.25 -5.02 -20.81
C VAL A 238 -15.73 -4.83 -20.49
N LYS A 239 -16.28 -3.63 -20.74
CA LYS A 239 -17.71 -3.42 -20.51
C LYS A 239 -18.56 -4.29 -21.42
N ILE A 240 -18.09 -4.53 -22.65
CA ILE A 240 -18.79 -5.44 -23.54
C ILE A 240 -18.77 -6.86 -22.98
N ILE A 241 -17.65 -7.27 -22.37
CA ILE A 241 -17.59 -8.59 -21.74
C ILE A 241 -18.60 -8.68 -20.60
N GLU A 242 -18.60 -7.68 -19.71
CA GLU A 242 -19.50 -7.70 -18.58
C GLU A 242 -20.96 -7.70 -19.04
N LYS A 243 -21.28 -6.84 -19.99
CA LYS A 243 -22.65 -6.68 -20.48
C LYS A 243 -23.22 -7.96 -21.08
N ASN A 244 -22.36 -8.89 -21.51
CA ASN A 244 -22.81 -10.05 -22.27
C ASN A 244 -22.38 -11.38 -21.65
N LEU A 245 -22.12 -11.41 -20.34
CA LEU A 245 -21.58 -12.62 -19.72
C LEU A 245 -22.50 -13.81 -19.90
N ALA A 246 -23.80 -13.58 -20.12
CA ALA A 246 -24.76 -14.66 -20.31
C ALA A 246 -24.85 -15.14 -21.75
N SER A 247 -24.39 -14.34 -22.70
CA SER A 247 -24.46 -14.69 -24.13
C SER A 247 -23.08 -14.57 -24.74
N PRO A 248 -22.26 -15.63 -24.66
CA PRO A 248 -20.96 -15.62 -25.33
C PRO A 248 -21.03 -15.23 -26.80
N LYS A 249 -21.99 -15.78 -27.55
CA LYS A 249 -22.12 -15.43 -28.96
C LYS A 249 -22.41 -13.94 -29.13
N GLN A 250 -23.29 -13.39 -28.30
CA GLN A 250 -23.54 -11.96 -28.39
C GLN A 250 -22.31 -11.17 -27.99
N MET A 251 -21.61 -11.61 -26.94
CA MET A 251 -20.38 -10.95 -26.53
C MET A 251 -19.38 -10.86 -27.67
N LEU A 252 -19.12 -11.99 -28.32
CA LEU A 252 -18.14 -12.02 -29.41
C LEU A 252 -18.60 -11.18 -30.59
N ALA A 253 -19.90 -11.13 -30.85
CA ALA A 253 -20.43 -10.29 -31.93
C ALA A 253 -20.25 -8.81 -31.61
N GLU A 254 -20.49 -8.40 -30.37
CA GLU A 254 -20.34 -7.00 -30.02
C GLU A 254 -18.88 -6.59 -29.98
N LEU A 255 -18.00 -7.49 -29.55
CA LEU A 255 -16.57 -7.19 -29.59
C LEU A 255 -16.08 -7.03 -31.02
N ARG A 256 -16.52 -7.93 -31.91
CA ARG A 256 -16.23 -7.82 -33.34
C ARG A 256 -16.57 -6.43 -33.86
N SER A 257 -17.83 -6.03 -33.69
CA SER A 257 -18.31 -4.75 -34.23
C SER A 257 -17.57 -3.58 -33.60
N PHE A 258 -17.34 -3.63 -32.28
CA PHE A 258 -16.69 -2.51 -31.61
C PHE A 258 -15.24 -2.35 -32.07
N VAL A 259 -14.49 -3.45 -32.12
CA VAL A 259 -13.08 -3.38 -32.49
C VAL A 259 -12.91 -2.96 -33.94
N SER A 260 -13.69 -3.54 -34.85
CA SER A 260 -13.60 -3.14 -36.25
C SER A 260 -13.87 -1.64 -36.41
N ALA A 261 -14.86 -1.13 -35.67
CA ALA A 261 -15.16 0.30 -35.73
C ALA A 261 -14.02 1.14 -35.18
N MET A 262 -13.50 0.75 -34.01
CA MET A 262 -12.39 1.51 -33.44
C MET A 262 -11.17 1.45 -34.33
N LYS A 263 -10.91 0.30 -34.95
CA LYS A 263 -9.74 0.20 -35.82
C LYS A 263 -9.92 1.05 -37.08
N ALA A 264 -11.12 0.99 -37.68
CA ALA A 264 -11.40 1.84 -38.85
C ALA A 264 -11.14 3.31 -38.55
N ALA A 265 -11.33 3.72 -37.28
CA ALA A 265 -11.15 5.11 -36.89
C ALA A 265 -9.68 5.52 -36.87
N SER A 266 -8.75 4.56 -36.84
CA SER A 266 -7.33 4.88 -36.80
C SER A 266 -6.74 5.16 -38.17
N ARG A 267 -7.53 5.03 -39.24
CA ARG A 267 -7.04 5.40 -40.57
C ARG A 267 -6.98 6.91 -40.73
N ALA A 268 -7.85 7.64 -40.05
CA ALA A 268 -7.95 9.10 -40.19
C ALA A 268 -7.57 9.85 -38.92
N THR B 2 14.01 11.38 -8.09
CA THR B 2 14.72 12.43 -7.35
C THR B 2 14.00 12.75 -6.04
N THR B 3 14.71 12.57 -4.93
CA THR B 3 14.14 12.87 -3.61
C THR B 3 15.21 13.53 -2.76
N LEU B 4 14.75 14.33 -1.79
CA LEU B 4 15.69 14.94 -0.86
C LEU B 4 16.30 13.89 0.06
N LEU B 5 15.53 12.87 0.41
CA LEU B 5 15.94 11.87 1.38
C LEU B 5 16.00 10.51 0.71
N ASN B 6 16.82 9.62 1.25
CA ASN B 6 16.90 8.24 0.76
C ASN B 6 15.55 7.59 1.03
N PRO B 7 14.84 7.07 0.02
CA PRO B 7 13.57 6.42 0.30
C PRO B 7 13.68 5.01 0.88
N TYR B 8 14.88 4.47 1.00
CA TYR B 8 15.07 3.11 1.47
C TYR B 8 15.69 3.09 2.86
N PHE B 9 15.32 2.07 3.61
CA PHE B 9 16.05 1.65 4.80
C PHE B 9 16.76 0.38 4.38
N GLY B 10 18.01 0.50 3.96
CA GLY B 10 18.71 -0.65 3.44
C GLY B 10 18.04 -1.13 2.16
N GLU B 11 17.62 -2.39 2.15
CA GLU B 11 16.93 -2.97 1.01
C GLU B 11 15.42 -2.73 1.04
N PHE B 12 14.90 -2.07 2.07
CA PHE B 12 13.47 -2.03 2.29
C PHE B 12 12.94 -0.63 2.09
N GLY B 13 11.70 -0.56 1.59
CA GLY B 13 11.00 0.71 1.47
C GLY B 13 10.78 1.11 0.03
N GLY B 14 11.21 2.32 -0.33
CA GLY B 14 11.02 2.81 -1.68
C GLY B 14 9.70 3.54 -1.86
N MET B 15 9.41 3.86 -3.13
CA MET B 15 8.20 4.58 -3.51
C MET B 15 7.55 3.86 -4.67
N TYR B 16 6.81 2.80 -4.37
CA TYR B 16 6.24 1.94 -5.40
C TYR B 16 4.78 2.33 -5.65
N VAL B 17 4.64 3.44 -6.34
CA VAL B 17 3.33 4.01 -6.64
C VAL B 17 3.27 4.30 -8.14
N PRO B 18 2.06 4.36 -8.71
CA PRO B 18 1.96 4.80 -10.10
C PRO B 18 2.58 6.19 -10.24
N GLN B 19 3.10 6.45 -11.45
CA GLN B 19 3.77 7.72 -11.74
C GLN B 19 2.91 8.92 -11.36
N ILE B 20 1.59 8.81 -11.52
CA ILE B 20 0.67 9.92 -11.26
C ILE B 20 0.83 10.43 -9.83
N LEU B 21 1.21 9.56 -8.90
CA LEU B 21 1.31 9.92 -7.50
C LEU B 21 2.67 10.48 -7.09
N MET B 22 3.70 10.33 -7.91
CA MET B 22 5.02 10.82 -7.52
C MET B 22 5.06 12.31 -7.18
N PRO B 23 4.42 13.22 -7.93
CA PRO B 23 4.43 14.64 -7.50
C PRO B 23 3.82 14.84 -6.13
N ALA B 24 2.80 14.05 -5.77
CA ALA B 24 2.22 14.15 -4.44
C ALA B 24 3.23 13.76 -3.37
N LEU B 25 3.99 12.69 -3.64
CA LEU B 25 4.99 12.26 -2.66
C LEU B 25 6.14 13.25 -2.57
N ASN B 26 6.60 13.77 -3.72
CA ASN B 26 7.67 14.77 -3.70
C ASN B 26 7.24 16.03 -2.97
N GLN B 27 6.01 16.49 -3.24
CA GLN B 27 5.49 17.65 -2.51
C GLN B 27 5.54 17.43 -1.01
N LEU B 28 5.03 16.27 -0.59
CA LEU B 28 4.97 15.95 0.82
C LEU B 28 6.36 15.85 1.44
N GLU B 29 7.32 15.24 0.74
CA GLU B 29 8.67 15.15 1.29
C GLU B 29 9.28 16.54 1.46
N GLU B 30 9.11 17.41 0.47
CA GLU B 30 9.68 18.74 0.59
C GLU B 30 9.02 19.52 1.72
N ALA B 31 7.71 19.39 1.87
CA ALA B 31 7.00 20.09 2.94
C ALA B 31 7.44 19.60 4.31
N PHE B 32 7.68 18.30 4.43
CA PHE B 32 8.15 17.73 5.69
C PHE B 32 9.57 18.22 6.00
N VAL B 33 10.47 18.14 5.02
CA VAL B 33 11.84 18.56 5.27
C VAL B 33 11.87 20.04 5.67
N SER B 34 11.08 20.86 4.99
CA SER B 34 10.91 22.26 5.37
C SER B 34 10.37 22.38 6.79
N ALA B 35 9.28 21.67 7.08
CA ALA B 35 8.66 21.78 8.40
C ALA B 35 9.65 21.44 9.51
N GLN B 36 10.51 20.44 9.29
CA GLN B 36 11.45 19.99 10.32
C GLN B 36 12.45 21.07 10.65
N LYS B 37 12.72 21.97 9.72
CA LYS B 37 13.65 23.07 9.92
C LYS B 37 12.96 24.37 10.31
N ASP B 38 11.66 24.32 10.57
CA ASP B 38 10.86 25.52 10.80
C ASP B 38 10.44 25.59 12.26
N PRO B 39 11.04 26.47 13.06
CA PRO B 39 10.62 26.63 14.46
C PRO B 39 9.14 26.91 14.63
N GLU B 40 8.50 27.56 13.66
CA GLU B 40 7.08 27.86 13.81
C GLU B 40 6.24 26.60 13.67
N PHE B 41 6.64 25.69 12.78
CA PHE B 41 5.94 24.41 12.69
C PHE B 41 6.13 23.63 13.98
N GLN B 42 7.36 23.58 14.49
CA GLN B 42 7.64 22.82 15.71
C GLN B 42 6.90 23.39 16.91
N ALA B 43 6.79 24.72 16.99
CA ALA B 43 6.03 25.35 18.06
C ALA B 43 4.54 25.01 17.97
N GLN B 44 3.97 25.06 16.77
CA GLN B 44 2.54 24.77 16.64
C GLN B 44 2.26 23.31 16.94
N PHE B 45 3.17 22.43 16.51
CA PHE B 45 3.03 21.02 16.75
C PHE B 45 3.09 20.73 18.25
N ALA B 46 4.10 21.29 18.93
CA ALA B 46 4.22 21.15 20.38
C ALA B 46 3.01 21.70 21.13
N ASP B 47 2.51 22.86 20.70
CA ASP B 47 1.32 23.47 21.30
C ASP B 47 0.14 22.50 21.22
N LEU B 48 -0.11 21.95 20.04
CA LEU B 48 -1.16 20.95 19.91
C LEU B 48 -0.88 19.72 20.78
N LEU B 49 0.33 19.15 20.68
CA LEU B 49 0.63 17.94 21.43
C LEU B 49 0.39 18.13 22.91
N LYS B 50 0.76 19.30 23.44
CA LYS B 50 0.67 19.50 24.88
C LYS B 50 -0.75 19.88 25.29
N ASN B 51 -1.28 20.98 24.73
CA ASN B 51 -2.46 21.65 25.23
C ASN B 51 -3.75 21.04 24.72
N TYR B 52 -3.67 20.29 23.63
CA TYR B 52 -4.83 19.62 23.07
C TYR B 52 -4.81 18.11 23.32
N ALA B 53 -3.67 17.46 23.11
CA ALA B 53 -3.59 16.00 23.24
C ALA B 53 -3.17 15.53 24.64
N GLY B 54 -2.55 16.39 25.45
CA GLY B 54 -2.25 16.07 26.84
C GLY B 54 -0.82 15.67 27.15
N ARG B 55 0.10 15.80 26.17
CA ARG B 55 1.51 15.44 26.37
C ARG B 55 2.14 16.41 27.37
N PRO B 56 3.18 15.98 28.09
CA PRO B 56 3.78 14.65 28.03
C PRO B 56 2.89 13.62 28.73
N THR B 57 2.96 12.38 28.27
CA THR B 57 2.22 11.29 28.90
C THR B 57 3.05 10.71 30.04
N ALA B 58 2.35 10.14 31.02
CA ALA B 58 3.00 9.60 32.18
C ALA B 58 3.83 8.36 31.82
N LEU B 59 4.83 8.09 32.66
CA LEU B 59 5.62 6.86 32.62
C LEU B 59 5.34 6.18 33.94
N THR B 60 4.47 5.18 33.91
CA THR B 60 3.97 4.56 35.14
C THR B 60 4.81 3.34 35.55
N LYS B 61 5.25 3.33 36.80
CA LYS B 61 5.94 2.15 37.32
C LYS B 61 4.90 1.15 37.78
N CYS B 62 4.92 -0.05 37.22
CA CYS B 62 4.06 -1.11 37.75
C CYS B 62 4.44 -1.49 39.17
N GLN B 63 3.44 -1.65 40.01
CA GLN B 63 3.61 -1.85 41.45
C GLN B 63 3.46 -3.29 41.89
N ASN B 64 2.67 -4.06 41.17
CA ASN B 64 2.26 -5.38 41.61
C ASN B 64 2.62 -6.45 40.61
N ILE B 65 2.67 -6.10 39.33
CA ILE B 65 2.70 -7.11 38.28
C ILE B 65 4.04 -7.84 38.25
N THR B 66 5.11 -7.19 38.71
CA THR B 66 6.44 -7.76 38.71
C THR B 66 6.80 -8.38 40.06
N ALA B 67 5.83 -8.46 40.98
CA ALA B 67 6.11 -9.02 42.29
C ALA B 67 6.64 -10.45 42.16
N GLY B 68 7.65 -10.76 42.97
CA GLY B 68 8.28 -12.06 42.89
C GLY B 68 9.32 -12.21 41.80
N THR B 69 9.71 -11.12 41.14
CA THR B 69 10.76 -11.15 40.13
C THR B 69 11.69 -9.98 40.37
N ARG B 70 12.80 -9.99 39.64
CA ARG B 70 13.76 -8.89 39.66
C ARG B 70 13.58 -7.98 38.46
N THR B 71 12.40 -7.99 37.85
CA THR B 71 12.08 -7.09 36.75
C THR B 71 11.41 -5.86 37.31
N THR B 72 11.84 -4.70 36.84
CA THR B 72 11.11 -3.46 37.04
C THR B 72 10.48 -3.12 35.69
N LEU B 73 9.18 -2.80 35.71
CA LEU B 73 8.43 -2.60 34.47
C LEU B 73 7.75 -1.25 34.53
N TYR B 74 8.03 -0.40 33.55
CA TYR B 74 7.32 0.85 33.35
C TYR B 74 6.45 0.76 32.11
N LEU B 75 5.32 1.48 32.14
CA LEU B 75 4.38 1.60 31.03
C LEU B 75 4.41 3.03 30.51
N LYS B 76 4.64 3.21 29.21
CA LYS B 76 4.57 4.53 28.62
C LYS B 76 3.10 4.74 28.27
N ARG B 77 2.48 5.75 28.88
CA ARG B 77 1.00 5.82 28.95
C ARG B 77 0.41 6.61 27.78
N GLU B 78 0.59 6.07 26.57
CA GLU B 78 -0.08 6.68 25.41
C GLU B 78 -1.59 6.48 25.44
N ASP B 79 -2.06 5.59 26.33
CA ASP B 79 -3.48 5.41 26.57
C ASP B 79 -4.16 6.64 27.16
N LEU B 80 -3.41 7.55 27.80
CA LEU B 80 -3.96 8.80 28.33
C LEU B 80 -3.97 9.93 27.33
N LEU B 81 -3.38 9.75 26.15
CA LEU B 81 -3.43 10.78 25.12
C LEU B 81 -4.87 10.98 24.63
N HIS B 82 -5.20 12.22 24.24
CA HIS B 82 -6.52 12.50 23.67
C HIS B 82 -6.79 11.54 22.52
N GLY B 83 -7.95 10.87 22.57
CA GLY B 83 -8.28 9.85 21.61
C GLY B 83 -8.03 8.43 22.10
N GLY B 84 -7.23 8.26 23.15
CA GLY B 84 -7.01 6.96 23.76
C GLY B 84 -5.92 6.12 23.15
N ALA B 85 -5.14 6.66 22.21
CA ALA B 85 -4.08 5.89 21.58
C ALA B 85 -3.06 6.84 20.96
N HIS B 86 -1.89 6.28 20.65
CA HIS B 86 -0.80 7.08 20.08
C HIS B 86 -1.11 7.62 18.70
N LYS B 87 -2.12 7.10 18.01
CA LYS B 87 -2.42 7.58 16.65
C LYS B 87 -2.56 9.09 16.59
N THR B 88 -2.97 9.71 17.70
CA THR B 88 -3.25 11.13 17.75
C THR B 88 -1.99 11.97 17.53
N ASN B 89 -0.84 11.50 18.01
CA ASN B 89 0.38 12.30 17.90
C ASN B 89 0.63 12.73 16.47
N GLN B 90 0.71 11.76 15.57
CA GLN B 90 1.21 12.00 14.22
C GLN B 90 0.15 12.56 13.30
N VAL B 91 -1.13 12.30 13.59
CA VAL B 91 -2.18 12.98 12.82
C VAL B 91 -2.13 14.50 13.05
N LEU B 92 -1.74 14.95 14.27
CA LEU B 92 -1.61 16.37 14.49
C LEU B 92 -0.48 16.95 13.65
N GLY B 93 0.64 16.25 13.58
CA GLY B 93 1.72 16.73 12.73
C GLY B 93 1.36 16.69 11.24
N GLN B 94 0.73 15.59 10.80
CA GLN B 94 0.36 15.49 9.39
C GLN B 94 -0.73 16.49 9.02
N ALA B 95 -1.65 16.80 9.94
CA ALA B 95 -2.65 17.82 9.72
C ALA B 95 -2.02 19.20 9.54
N LEU B 96 -0.99 19.52 10.33
CA LEU B 96 -0.25 20.76 10.14
C LEU B 96 0.54 20.76 8.83
N LEU B 97 1.13 19.62 8.44
CA LEU B 97 1.74 19.54 7.11
C LEU B 97 0.74 19.84 6.02
N ALA B 98 -0.46 19.27 6.12
CA ALA B 98 -1.49 19.57 5.14
C ALA B 98 -1.72 21.07 5.04
N LYS B 99 -1.84 21.74 6.19
CA LYS B 99 -2.05 23.19 6.19
C LYS B 99 -0.83 23.92 5.63
N ARG B 100 0.37 23.45 5.94
CA ARG B 100 1.58 24.00 5.33
C ARG B 100 1.51 23.93 3.81
N MET B 101 0.99 22.84 3.27
CA MET B 101 0.87 22.65 1.83
C MET B 101 -0.34 23.33 1.24
N GLY B 102 -1.11 24.06 2.04
CA GLY B 102 -2.29 24.74 1.54
C GLY B 102 -3.47 23.84 1.29
N LYS B 103 -3.46 22.63 1.84
CA LYS B 103 -4.53 21.68 1.64
C LYS B 103 -5.66 21.91 2.64
N SER B 104 -6.89 21.68 2.17
CA SER B 104 -8.08 21.90 2.98
C SER B 104 -8.87 20.61 3.19
N GLU B 105 -8.40 19.49 2.66
CA GLU B 105 -9.07 18.21 2.80
C GLU B 105 -8.08 17.15 3.25
N ILE B 106 -8.61 16.15 3.96
CA ILE B 106 -7.84 15.04 4.49
C ILE B 106 -8.47 13.76 3.96
N ILE B 107 -7.64 12.87 3.42
CA ILE B 107 -8.04 11.51 3.09
C ILE B 107 -7.34 10.58 4.07
N ALA B 108 -8.08 9.62 4.62
CA ALA B 108 -7.49 8.72 5.59
C ALA B 108 -8.05 7.33 5.40
N GLU B 109 -7.24 6.33 5.76
CA GLU B 109 -7.63 4.93 5.81
C GLU B 109 -7.65 4.49 7.27
N THR B 110 -8.47 3.48 7.58
CA THR B 110 -8.43 2.94 8.93
C THR B 110 -8.95 1.51 8.92
N GLY B 111 -8.35 0.66 9.75
CA GLY B 111 -8.92 -0.66 9.90
C GLY B 111 -9.72 -0.84 11.18
N ALA B 112 -9.05 -0.68 12.32
CA ALA B 112 -9.70 -0.84 13.61
C ALA B 112 -10.52 0.39 13.98
N GLY B 113 -10.22 1.53 13.37
CA GLY B 113 -10.95 2.78 13.62
C GLY B 113 -10.21 3.80 14.44
N GLN B 114 -9.11 3.42 15.11
CA GLN B 114 -8.38 4.39 15.92
C GLN B 114 -7.73 5.46 15.08
N HIS B 115 -7.10 5.08 13.97
CA HIS B 115 -6.50 6.12 13.13
C HIS B 115 -7.58 6.92 12.41
N GLY B 116 -8.70 6.29 12.05
CA GLY B 116 -9.80 7.07 11.48
C GLY B 116 -10.34 8.09 12.46
N VAL B 117 -10.53 7.69 13.72
CA VAL B 117 -11.03 8.62 14.73
C VAL B 117 -10.00 9.71 14.97
N ALA B 118 -8.72 9.36 14.94
CA ALA B 118 -7.65 10.33 15.14
C ALA B 118 -7.63 11.36 14.01
N SER B 119 -7.70 10.87 12.78
CA SER B 119 -7.78 11.75 11.61
C SER B 119 -8.98 12.68 11.72
N ALA B 120 -10.13 12.13 12.13
CA ALA B 120 -11.34 12.95 12.18
C ALA B 120 -11.25 14.02 13.25
N LEU B 121 -10.70 13.69 14.44
CA LEU B 121 -10.65 14.71 15.47
C LEU B 121 -9.64 15.79 15.11
N ALA B 122 -8.52 15.40 14.50
CA ALA B 122 -7.55 16.41 14.08
C ALA B 122 -8.14 17.32 13.01
N SER B 123 -8.87 16.75 12.06
CA SER B 123 -9.46 17.56 10.99
C SER B 123 -10.53 18.50 11.55
N ALA B 124 -11.33 18.02 12.50
CA ALA B 124 -12.28 18.90 13.17
C ALA B 124 -11.59 20.09 13.82
N LEU B 125 -10.52 19.81 14.59
CA LEU B 125 -9.85 20.91 15.28
C LEU B 125 -9.26 21.92 14.31
N LEU B 126 -8.54 21.46 13.29
CA LEU B 126 -7.82 22.34 12.39
C LEU B 126 -8.65 22.78 11.17
N GLY B 127 -9.93 22.42 11.11
CA GLY B 127 -10.75 22.95 10.02
C GLY B 127 -10.46 22.36 8.65
N LEU B 128 -10.22 21.06 8.59
CA LEU B 128 -10.03 20.33 7.35
C LEU B 128 -11.24 19.43 7.11
N LYS B 129 -11.66 19.31 5.86
CA LYS B 129 -12.74 18.39 5.54
C LYS B 129 -12.17 16.99 5.39
N CYS B 130 -12.68 16.07 6.20
CA CYS B 130 -12.07 14.75 6.36
C CYS B 130 -12.95 13.69 5.74
N ARG B 131 -12.36 12.86 4.89
CA ARG B 131 -13.02 11.66 4.42
C ARG B 131 -12.16 10.44 4.71
N ILE B 132 -12.77 9.38 5.25
CA ILE B 132 -12.06 8.22 5.75
C ILE B 132 -12.56 6.99 5.00
N TYR B 133 -11.63 6.23 4.42
CA TYR B 133 -11.96 4.97 3.77
C TYR B 133 -11.76 3.81 4.73
N MET B 134 -12.72 2.91 4.73
CA MET B 134 -12.73 1.81 5.69
C MET B 134 -13.37 0.62 5.00
N GLY B 135 -12.70 -0.54 5.05
CA GLY B 135 -13.30 -1.73 4.48
C GLY B 135 -14.66 -2.00 5.06
N ALA B 136 -15.63 -2.36 4.21
CA ALA B 136 -17.00 -2.53 4.70
C ALA B 136 -17.08 -3.54 5.82
N LYS B 137 -16.26 -4.60 5.77
CA LYS B 137 -16.23 -5.54 6.89
C LYS B 137 -15.84 -4.83 8.17
N ASP B 138 -14.83 -3.96 8.10
CA ASP B 138 -14.42 -3.19 9.27
C ASP B 138 -15.52 -2.23 9.71
N VAL B 139 -16.23 -1.62 8.75
CA VAL B 139 -17.31 -0.70 9.11
C VAL B 139 -18.39 -1.44 9.90
N GLU B 140 -18.74 -2.65 9.46
CA GLU B 140 -19.71 -3.44 10.22
C GLU B 140 -19.16 -3.83 11.59
N ARG B 141 -17.86 -4.16 11.67
CA ARG B 141 -17.29 -4.65 12.92
C ARG B 141 -17.00 -3.53 13.92
N GLN B 142 -16.77 -2.30 13.47
CA GLN B 142 -16.39 -1.22 14.38
C GLN B 142 -17.37 -0.06 14.33
N SER B 143 -18.67 -0.34 14.39
CA SER B 143 -19.65 0.75 14.37
C SER B 143 -19.44 1.80 15.46
N PRO B 144 -18.90 1.50 16.65
CA PRO B 144 -18.63 2.61 17.59
C PRO B 144 -17.62 3.62 17.09
N ASN B 145 -16.48 3.14 16.54
CA ASN B 145 -15.50 4.09 16.01
C ASN B 145 -16.04 4.81 14.78
N VAL B 146 -16.86 4.12 13.97
CA VAL B 146 -17.45 4.81 12.83
C VAL B 146 -18.35 5.94 13.30
N PHE B 147 -19.13 5.69 14.37
CA PHE B 147 -20.00 6.73 14.92
C PHE B 147 -19.17 7.88 15.48
N ARG B 148 -18.07 7.56 16.17
CA ARG B 148 -17.16 8.62 16.63
C ARG B 148 -16.70 9.48 15.47
N MET B 149 -16.25 8.86 14.38
CA MET B 149 -15.78 9.64 13.23
C MET B 149 -16.87 10.57 12.72
N ARG B 150 -18.09 10.06 12.57
CA ARG B 150 -19.17 10.89 12.01
C ARG B 150 -19.58 12.00 12.97
N LEU B 151 -19.58 11.72 14.29
CA LEU B 151 -19.84 12.78 15.26
C LEU B 151 -18.91 13.97 15.06
N MET B 152 -17.67 13.70 14.68
CA MET B 152 -16.70 14.75 14.49
C MET B 152 -16.74 15.32 13.08
N GLY B 153 -17.76 14.99 12.31
CA GLY B 153 -17.99 15.63 11.04
C GLY B 153 -17.36 14.94 9.85
N ALA B 154 -16.57 13.89 10.08
CA ALA B 154 -15.88 13.23 8.98
C ALA B 154 -16.84 12.37 8.18
N GLU B 155 -16.55 12.29 6.88
CA GLU B 155 -17.24 11.39 5.99
C GLU B 155 -16.54 10.04 6.03
N VAL B 156 -17.29 8.98 6.31
CA VAL B 156 -16.75 7.63 6.39
C VAL B 156 -17.24 6.87 5.17
N ILE B 157 -16.31 6.35 4.37
CA ILE B 157 -16.66 5.71 3.11
C ILE B 157 -16.39 4.21 3.17
N PRO B 158 -17.41 3.37 3.31
CA PRO B 158 -17.17 1.93 3.32
C PRO B 158 -16.67 1.47 1.95
N VAL B 159 -15.68 0.58 1.97
CA VAL B 159 -15.05 0.07 0.76
C VAL B 159 -15.43 -1.39 0.60
N HIS B 160 -16.12 -1.70 -0.50
CA HIS B 160 -16.56 -3.06 -0.80
C HIS B 160 -15.63 -3.81 -1.73
N SER B 161 -14.74 -3.11 -2.43
CA SER B 161 -13.79 -3.75 -3.34
C SER B 161 -13.02 -4.84 -2.61
N GLY B 162 -12.63 -5.86 -3.37
CA GLY B 162 -11.77 -6.91 -2.86
C GLY B 162 -12.28 -7.54 -1.58
N SER B 163 -11.38 -7.71 -0.61
CA SER B 163 -11.71 -8.29 0.69
C SER B 163 -12.49 -7.34 1.60
N ALA B 164 -12.80 -6.12 1.16
CA ALA B 164 -13.53 -5.14 1.97
C ALA B 164 -12.89 -4.96 3.34
N THR B 165 -11.56 -4.94 3.37
CA THR B 165 -10.83 -4.71 4.62
C THR B 165 -9.77 -3.63 4.39
N LEU B 166 -8.83 -3.51 5.33
CA LEU B 166 -7.88 -2.39 5.33
C LEU B 166 -7.12 -2.25 4.00
N LYS B 167 -6.78 -3.38 3.35
CA LYS B 167 -6.08 -3.30 2.07
C LYS B 167 -6.87 -2.49 1.05
N ASP B 168 -8.14 -2.86 0.86
CA ASP B 168 -8.96 -2.20 -0.15
C ASP B 168 -9.25 -0.75 0.23
N ALA B 169 -9.40 -0.48 1.53
CA ALA B 169 -9.52 0.90 1.99
C ALA B 169 -8.27 1.70 1.63
N CYS B 170 -7.09 1.12 1.88
CA CYS B 170 -5.84 1.76 1.47
C CYS B 170 -5.84 2.07 -0.01
N ASN B 171 -6.26 1.11 -0.85
CA ASN B 171 -6.22 1.33 -2.29
C ASN B 171 -7.20 2.42 -2.72
N GLU B 172 -8.41 2.43 -2.18
CA GLU B 172 -9.38 3.47 -2.53
C GLU B 172 -8.88 4.85 -2.13
N ALA B 173 -8.26 4.97 -0.96
CA ALA B 173 -7.71 6.26 -0.54
C ALA B 173 -6.65 6.74 -1.51
N LEU B 174 -5.88 5.82 -2.08
CA LEU B 174 -4.83 6.17 -3.04
C LEU B 174 -5.42 6.61 -4.38
N ARG B 175 -6.46 5.92 -4.85
CA ARG B 175 -7.14 6.36 -6.07
C ARG B 175 -7.64 7.78 -5.91
N ASP B 176 -8.32 8.07 -4.79
CA ASP B 176 -8.83 9.40 -4.52
C ASP B 176 -7.71 10.43 -4.54
N TRP B 177 -6.63 10.17 -3.80
CA TRP B 177 -5.56 11.15 -3.67
C TRP B 177 -4.94 11.48 -5.03
N SER B 178 -4.73 10.46 -5.88
CA SER B 178 -4.10 10.69 -7.17
C SER B 178 -4.91 11.68 -8.02
N GLY B 179 -6.19 11.86 -7.72
CA GLY B 179 -7.00 12.85 -8.39
C GLY B 179 -7.18 14.16 -7.63
N SER B 180 -6.98 14.12 -6.30
CA SER B 180 -7.33 15.26 -5.46
C SER B 180 -6.15 15.86 -4.71
N TYR B 181 -4.91 15.47 -5.03
CA TYR B 181 -3.80 15.85 -4.16
C TYR B 181 -3.44 17.33 -4.24
N GLU B 182 -3.98 18.06 -5.20
CA GLU B 182 -3.77 19.51 -5.23
C GLU B 182 -4.39 20.17 -4.01
N THR B 183 -5.50 19.65 -3.52
CA THR B 183 -6.13 20.22 -2.34
C THR B 183 -6.25 19.26 -1.16
N ALA B 184 -5.99 17.97 -1.34
CA ALA B 184 -6.19 17.01 -0.25
C ALA B 184 -4.87 16.33 0.12
N HIS B 185 -4.73 16.04 1.40
CA HIS B 185 -3.56 15.33 1.90
C HIS B 185 -3.97 13.94 2.35
N TYR B 186 -3.18 12.94 1.96
CA TYR B 186 -3.46 11.56 2.35
C TYR B 186 -2.79 11.31 3.70
N MET B 187 -3.61 11.16 4.74
CA MET B 187 -3.09 11.00 6.11
C MET B 187 -2.93 9.51 6.41
N LEU B 188 -1.78 8.98 5.99
CA LEU B 188 -1.49 7.56 6.19
C LEU B 188 -1.22 7.29 7.67
N GLY B 189 -1.79 6.21 8.19
CA GLY B 189 -1.85 6.05 9.63
C GLY B 189 -0.80 5.17 10.28
N THR B 190 0.26 4.78 9.57
CA THR B 190 1.29 3.97 10.21
C THR B 190 2.62 4.22 9.51
N ALA B 191 3.68 3.62 10.05
CA ALA B 191 5.03 3.90 9.58
C ALA B 191 5.38 2.97 8.42
N ALA B 192 4.55 3.04 7.37
CA ALA B 192 4.66 2.15 6.24
C ALA B 192 4.17 2.89 5.00
N GLY B 193 4.06 2.18 3.91
CA GLY B 193 3.67 2.78 2.65
C GLY B 193 4.87 3.38 1.97
N PRO B 194 4.66 4.20 0.94
CA PRO B 194 5.78 4.78 0.19
C PRO B 194 6.46 5.89 0.96
N HIS B 195 7.74 6.03 0.68
CA HIS B 195 8.44 7.22 1.15
C HIS B 195 7.71 8.47 0.64
N PRO B 196 7.58 9.53 1.47
CA PRO B 196 8.22 9.71 2.77
C PRO B 196 7.45 9.24 4.01
N TYR B 197 6.36 8.47 3.86
CA TYR B 197 5.52 8.22 5.02
C TYR B 197 6.23 7.48 6.15
N PRO B 198 6.99 6.39 5.91
CA PRO B 198 7.69 5.75 7.05
C PRO B 198 8.55 6.72 7.84
N THR B 199 9.20 7.67 7.15
CA THR B 199 10.03 8.66 7.82
C THR B 199 9.19 9.71 8.56
N ILE B 200 8.11 10.16 7.95
CA ILE B 200 7.30 11.19 8.58
C ILE B 200 6.64 10.65 9.83
N VAL B 201 6.07 9.44 9.74
CA VAL B 201 5.29 8.93 10.86
C VAL B 201 6.21 8.64 12.05
N ARG B 202 7.41 8.11 11.80
CA ARG B 202 8.40 7.98 12.86
C ARG B 202 8.72 9.33 13.52
N GLU B 203 9.06 10.33 12.70
CA GLU B 203 9.41 11.62 13.29
C GLU B 203 8.25 12.26 14.05
N PHE B 204 7.01 12.02 13.64
CA PHE B 204 5.85 12.57 14.34
C PHE B 204 5.35 11.66 15.47
N GLN B 205 6.03 10.54 15.70
CA GLN B 205 5.81 9.68 16.86
C GLN B 205 7.01 9.60 17.79
N ARG B 206 8.18 10.12 17.38
CA ARG B 206 9.36 9.90 18.20
C ARG B 206 9.29 10.58 19.56
N MET B 207 8.28 11.42 19.82
CA MET B 207 8.22 12.02 21.15
C MET B 207 7.92 10.96 22.21
N ILE B 208 7.29 9.84 21.81
CA ILE B 208 7.08 8.72 22.71
C ILE B 208 8.38 8.29 23.36
N GLY B 209 9.37 7.95 22.53
CA GLY B 209 10.64 7.45 23.04
C GLY B 209 11.50 8.54 23.64
N GLU B 210 11.44 9.75 23.08
CA GLU B 210 12.19 10.86 23.68
C GLU B 210 11.75 11.12 25.10
N GLU B 211 10.43 11.24 25.32
CA GLU B 211 9.89 11.39 26.67
C GLU B 211 10.30 10.21 27.55
N THR B 212 10.10 8.98 27.04
CA THR B 212 10.48 7.80 27.82
C THR B 212 11.92 7.88 28.28
N LYS B 213 12.82 8.26 27.36
CA LYS B 213 14.22 8.34 27.74
C LYS B 213 14.42 9.36 28.86
N ALA B 214 13.87 10.58 28.70
CA ALA B 214 14.05 11.57 29.75
C ALA B 214 13.42 11.10 31.05
N GLN B 215 12.22 10.53 30.97
CA GLN B 215 11.54 10.11 32.18
C GLN B 215 12.30 8.97 32.88
N ILE B 216 12.78 7.97 32.12
CA ILE B 216 13.45 6.85 32.76
C ILE B 216 14.79 7.27 33.35
N LEU B 217 15.47 8.22 32.72
CA LEU B 217 16.71 8.73 33.32
C LEU B 217 16.43 9.48 34.60
N ASP B 218 15.40 10.31 34.59
CA ASP B 218 14.99 11.04 35.79
C ASP B 218 14.62 10.09 36.91
N LYS B 219 13.94 8.99 36.60
CA LYS B 219 13.39 8.12 37.63
C LYS B 219 14.33 7.01 38.08
N GLU B 220 15.12 6.45 37.17
CA GLU B 220 15.98 5.32 37.48
C GLU B 220 17.46 5.64 37.31
N GLY B 221 17.81 6.79 36.76
CA GLY B 221 19.21 7.14 36.56
C GLY B 221 19.93 6.34 35.50
N ARG B 222 19.21 5.61 34.66
CA ARG B 222 19.85 4.88 33.58
C ARG B 222 18.82 4.60 32.51
N LEU B 223 19.30 4.09 31.39
CA LEU B 223 18.44 3.69 30.28
C LEU B 223 17.82 2.34 30.54
N PRO B 224 16.72 2.02 29.86
CA PRO B 224 16.12 0.70 30.01
C PRO B 224 17.00 -0.40 29.41
N ASP B 225 16.84 -1.61 29.93
CA ASP B 225 17.45 -2.76 29.29
C ASP B 225 16.73 -3.14 28.00
N ALA B 226 15.43 -2.89 27.90
CA ALA B 226 14.69 -3.04 26.65
C ALA B 226 13.44 -2.17 26.67
N VAL B 227 13.04 -1.73 25.47
CA VAL B 227 11.75 -1.08 25.25
C VAL B 227 11.01 -2.01 24.30
N ILE B 228 9.71 -2.19 24.57
CA ILE B 228 8.89 -3.24 23.98
C ILE B 228 7.61 -2.63 23.45
N ALA B 229 7.21 -3.02 22.25
CA ALA B 229 6.11 -2.37 21.59
C ALA B 229 5.49 -3.32 20.57
N CYS B 230 4.16 -3.31 20.51
CA CYS B 230 3.49 -4.11 19.51
C CYS B 230 3.72 -3.49 18.14
N VAL B 231 3.55 -4.31 17.10
CA VAL B 231 3.91 -3.92 15.74
C VAL B 231 2.75 -4.32 14.84
N GLY B 232 1.87 -3.37 14.54
CA GLY B 232 0.86 -3.60 13.51
C GLY B 232 1.31 -3.14 12.13
N GLY B 233 1.54 -1.85 11.97
CA GLY B 233 2.22 -1.33 10.80
C GLY B 233 3.57 -0.78 11.23
N GLY B 234 3.71 -0.46 12.51
CA GLY B 234 5.02 -0.11 13.06
C GLY B 234 5.14 1.28 13.68
N SER B 235 4.07 2.08 13.77
CA SER B 235 4.24 3.48 14.15
C SER B 235 4.48 3.64 15.65
N ASN B 236 3.72 2.97 16.53
CA ASN B 236 3.98 3.20 17.96
C ASN B 236 5.35 2.65 18.36
N ALA B 237 5.73 1.52 17.74
CA ALA B 237 7.00 0.88 18.04
C ALA B 237 8.14 1.74 17.55
N ILE B 238 8.09 2.15 16.28
CA ILE B 238 9.18 3.02 15.83
C ILE B 238 9.15 4.33 16.60
N GLY B 239 8.00 4.79 17.08
CA GLY B 239 8.01 6.03 17.88
C GLY B 239 8.71 5.84 19.22
N MET B 240 8.56 4.69 19.82
CA MET B 240 9.28 4.37 21.05
C MET B 240 10.76 4.09 20.79
N PHE B 241 11.06 3.37 19.70
CA PHE B 241 12.42 2.93 19.40
C PHE B 241 13.34 4.09 19.03
N ALA B 242 12.84 5.09 18.30
CA ALA B 242 13.70 5.97 17.48
C ALA B 242 14.83 6.60 18.28
N ASP B 243 14.49 7.23 19.40
CA ASP B 243 15.50 7.94 20.19
C ASP B 243 16.44 6.99 20.91
N PHE B 244 16.18 5.69 20.91
CA PHE B 244 17.11 4.74 21.49
C PHE B 244 17.97 4.03 20.46
N ILE B 245 17.81 4.31 19.17
CA ILE B 245 18.45 3.47 18.16
C ILE B 245 19.98 3.55 18.28
N ASN B 246 20.52 4.73 18.58
CA ASN B 246 21.97 4.82 18.76
C ASN B 246 22.42 4.44 20.16
N ASP B 247 21.51 4.17 21.09
CA ASP B 247 21.87 3.67 22.43
C ASP B 247 21.89 2.15 22.35
N THR B 248 23.00 1.62 21.86
CA THR B 248 23.01 0.21 21.48
C THR B 248 22.99 -0.74 22.67
N SER B 249 23.05 -0.24 23.91
CA SER B 249 22.81 -1.10 25.05
C SER B 249 21.32 -1.34 25.28
N VAL B 250 20.45 -0.53 24.68
CA VAL B 250 19.02 -0.62 24.92
C VAL B 250 18.43 -1.58 23.90
N GLY B 251 17.82 -2.66 24.39
CA GLY B 251 17.15 -3.60 23.48
C GLY B 251 15.88 -3.02 22.88
N LEU B 252 15.64 -3.34 21.61
CA LEU B 252 14.43 -2.91 20.93
C LEU B 252 13.69 -4.17 20.56
N ILE B 253 12.48 -4.38 21.10
CA ILE B 253 11.74 -5.61 20.87
C ILE B 253 10.38 -5.23 20.34
N GLY B 254 10.06 -5.70 19.14
CA GLY B 254 8.77 -5.43 18.54
C GLY B 254 8.00 -6.74 18.57
N VAL B 255 6.71 -6.65 18.86
CA VAL B 255 5.86 -7.82 19.04
C VAL B 255 4.79 -7.83 17.96
N GLU B 256 4.85 -8.81 17.10
CA GLU B 256 3.81 -9.05 16.11
C GLU B 256 2.75 -9.99 16.66
N PRO B 257 1.55 -9.88 16.09
CA PRO B 257 0.46 -10.78 16.49
C PRO B 257 0.67 -12.19 15.95
N GLY B 258 0.67 -13.16 16.86
CA GLY B 258 0.73 -14.56 16.51
C GLY B 258 -0.61 -15.18 16.25
N GLY B 259 -1.69 -14.46 16.54
CA GLY B 259 -3.03 -14.96 16.21
C GLY B 259 -3.33 -16.27 16.91
N HIS B 260 -3.75 -17.25 16.11
CA HIS B 260 -4.02 -18.58 16.62
C HIS B 260 -2.78 -19.45 16.70
N GLY B 261 -1.61 -18.91 16.41
CA GLY B 261 -0.37 -19.66 16.43
C GLY B 261 0.32 -19.57 15.08
N ILE B 262 1.64 -19.32 15.07
CA ILE B 262 2.32 -19.14 13.80
C ILE B 262 2.09 -20.35 12.90
N GLU B 263 2.18 -21.55 13.47
CA GLU B 263 2.05 -22.78 12.68
C GLU B 263 0.66 -22.96 12.08
N THR B 264 -0.36 -22.24 12.57
CA THR B 264 -1.69 -22.30 11.96
C THR B 264 -1.80 -21.46 10.70
N GLY B 265 -0.85 -20.55 10.48
CA GLY B 265 -0.97 -19.58 9.42
C GLY B 265 -1.93 -18.44 9.70
N GLU B 266 -2.62 -18.46 10.85
CA GLU B 266 -3.62 -17.43 11.15
C GLU B 266 -3.00 -16.46 12.14
N HIS B 267 -2.23 -15.52 11.58
CA HIS B 267 -1.43 -14.61 12.39
C HIS B 267 -1.21 -13.34 11.59
N GLY B 268 -0.45 -12.43 12.19
CA GLY B 268 -0.17 -11.15 11.58
C GLY B 268 1.30 -10.83 11.68
N ALA B 269 2.15 -11.82 11.47
CA ALA B 269 3.57 -11.66 11.75
C ALA B 269 4.40 -11.79 10.47
N PRO B 270 4.26 -10.84 9.53
CA PRO B 270 5.01 -10.95 8.30
C PRO B 270 6.49 -10.70 8.48
N LEU B 271 6.89 -9.86 9.45
CA LEU B 271 8.31 -9.58 9.58
C LEU B 271 9.09 -10.86 9.85
N LYS B 272 8.58 -11.74 10.71
CA LYS B 272 9.31 -12.97 11.01
C LYS B 272 8.81 -14.18 10.25
N HIS B 273 7.60 -14.13 9.70
CA HIS B 273 7.02 -15.34 9.13
C HIS B 273 6.35 -15.09 7.79
N GLY B 274 6.54 -13.94 7.19
CA GLY B 274 6.05 -13.68 5.86
C GLY B 274 7.16 -13.81 4.84
N ARG B 275 7.04 -13.06 3.75
CA ARG B 275 7.99 -13.11 2.67
C ARG B 275 8.03 -11.72 2.07
N VAL B 276 9.24 -11.23 1.78
CA VAL B 276 9.35 -9.89 1.22
C VAL B 276 8.60 -9.84 -0.12
N GLY B 277 7.89 -8.73 -0.33
CA GLY B 277 7.13 -8.48 -1.53
C GLY B 277 7.06 -6.98 -1.71
N ILE B 278 6.35 -6.55 -2.77
CA ILE B 278 6.19 -5.13 -3.08
C ILE B 278 4.69 -4.86 -3.18
N TYR B 279 4.18 -4.07 -2.24
CA TYR B 279 2.76 -3.77 -2.16
C TYR B 279 2.60 -2.59 -1.21
N PHE B 280 1.47 -1.89 -1.36
CA PHE B 280 1.20 -0.65 -0.60
C PHE B 280 2.35 0.34 -0.71
N GLY B 281 2.96 0.42 -1.91
CA GLY B 281 4.00 1.41 -2.15
C GLY B 281 5.37 1.10 -1.59
N MET B 282 5.61 -0.09 -1.08
CA MET B 282 6.89 -0.33 -0.39
C MET B 282 7.37 -1.75 -0.62
N LYS B 283 8.68 -1.94 -0.54
CA LYS B 283 9.28 -3.26 -0.49
C LYS B 283 9.46 -3.62 0.98
N ALA B 284 8.77 -4.66 1.44
CA ALA B 284 8.76 -5.00 2.86
C ALA B 284 8.20 -6.41 3.01
N PRO B 285 8.47 -7.07 4.15
CA PRO B 285 7.85 -8.37 4.43
C PRO B 285 6.34 -8.27 4.44
N MET B 286 5.69 -9.30 3.90
N MET B 286 5.71 -9.30 3.85
CA MET B 286 4.24 -9.28 3.83
CA MET B 286 4.27 -9.34 3.60
C MET B 286 3.70 -10.69 3.88
C MET B 286 3.72 -10.73 3.90
N MET B 287 2.44 -10.79 4.29
CA MET B 287 1.68 -12.02 4.21
C MET B 287 1.25 -12.18 2.74
N GLN B 288 1.71 -13.23 2.08
CA GLN B 288 1.29 -13.44 0.70
C GLN B 288 1.24 -14.92 0.37
N THR B 289 0.51 -15.25 -0.69
CA THR B 289 0.46 -16.60 -1.21
C THR B 289 1.75 -16.93 -1.97
N ALA B 290 1.92 -18.21 -2.29
CA ALA B 290 3.07 -18.60 -3.09
C ALA B 290 3.04 -17.96 -4.47
N ASP B 291 1.86 -17.56 -4.95
CA ASP B 291 1.71 -16.93 -6.25
C ASP B 291 1.80 -15.41 -6.20
N GLY B 292 2.06 -14.83 -5.03
CA GLY B 292 2.25 -13.40 -4.94
C GLY B 292 1.01 -12.58 -4.71
N GLN B 293 -0.10 -13.19 -4.31
CA GLN B 293 -1.28 -12.44 -3.91
C GLN B 293 -1.18 -12.11 -2.43
N ILE B 294 -1.63 -10.92 -2.06
CA ILE B 294 -1.57 -10.47 -0.67
C ILE B 294 -2.63 -11.18 0.16
N GLU B 295 -2.26 -11.62 1.36
CA GLU B 295 -3.16 -12.30 2.28
C GLU B 295 -3.53 -11.36 3.43
N GLU B 296 -4.37 -11.86 4.34
CA GLU B 296 -4.86 -11.05 5.45
C GLU B 296 -4.10 -11.36 6.73
N SER B 297 -3.96 -10.33 7.57
CA SER B 297 -3.35 -10.46 8.89
C SER B 297 -4.46 -10.78 9.91
N TYR B 298 -4.44 -12.00 10.45
CA TYR B 298 -5.38 -12.31 11.53
C TYR B 298 -4.77 -11.98 12.88
N SER B 299 -5.57 -11.32 13.72
CA SER B 299 -5.26 -11.16 15.13
C SER B 299 -6.57 -10.94 15.85
N ILE B 300 -6.65 -11.42 17.09
CA ILE B 300 -7.76 -11.03 17.95
C ILE B 300 -7.87 -9.52 18.04
N SER B 301 -6.74 -8.80 18.01
CA SER B 301 -6.75 -7.35 18.15
C SER B 301 -6.88 -6.74 16.76
N ALA B 302 -7.92 -5.93 16.58
CA ALA B 302 -8.18 -5.38 15.25
C ALA B 302 -7.03 -4.50 14.80
N GLY B 303 -6.39 -3.81 15.73
CA GLY B 303 -5.41 -2.85 15.30
C GLY B 303 -4.12 -3.44 14.78
N LEU B 304 -3.93 -4.74 14.96
CA LEU B 304 -2.74 -5.42 14.47
C LEU B 304 -2.98 -6.16 13.16
N ASP B 305 -4.08 -5.80 12.42
CA ASP B 305 -4.62 -6.33 11.14
C ASP B 305 -3.82 -5.92 9.92
N PHE B 306 -2.66 -5.34 10.01
CA PHE B 306 -1.98 -4.95 8.78
C PHE B 306 -1.19 -6.13 8.22
N PRO B 307 -1.39 -6.50 6.97
CA PRO B 307 -0.71 -7.68 6.41
C PRO B 307 0.76 -7.47 6.09
N SER B 308 1.36 -6.34 6.46
CA SER B 308 2.75 -6.11 6.16
C SER B 308 3.37 -5.43 7.38
N VAL B 309 4.51 -4.76 7.21
CA VAL B 309 5.16 -4.05 8.30
C VAL B 309 5.99 -2.91 7.71
N GLY B 310 6.19 -1.87 8.51
CA GLY B 310 7.01 -0.76 8.09
C GLY B 310 8.41 -1.19 7.71
N PRO B 311 8.98 -0.55 6.66
CA PRO B 311 10.30 -0.95 6.16
C PRO B 311 11.44 -0.70 7.14
N GLN B 312 11.31 0.28 8.03
CA GLN B 312 12.41 0.49 8.98
C GLN B 312 12.50 -0.65 9.98
N HIS B 313 11.39 -1.28 10.32
CA HIS B 313 11.46 -2.43 11.22
C HIS B 313 12.13 -3.61 10.54
N ALA B 314 11.75 -3.89 9.28
CA ALA B 314 12.44 -4.93 8.52
C ALA B 314 13.94 -4.64 8.45
N TYR B 315 14.31 -3.36 8.30
CA TYR B 315 15.71 -3.00 8.23
C TYR B 315 16.42 -3.19 9.57
N LEU B 316 15.82 -2.66 10.64
CA LEU B 316 16.38 -2.82 11.98
C LEU B 316 16.52 -4.28 12.35
N ASN B 317 15.57 -5.11 11.94
CA ASN B 317 15.69 -6.56 12.17
C ASN B 317 16.87 -7.14 11.40
N SER B 318 16.96 -6.81 10.11
CA SER B 318 17.94 -7.46 9.24
C SER B 318 19.35 -7.25 9.76
N ILE B 319 19.63 -6.05 10.30
CA ILE B 319 20.96 -5.71 10.82
C ILE B 319 21.15 -6.09 12.29
N GLY B 320 20.12 -6.65 12.93
CA GLY B 320 20.26 -7.08 14.30
C GLY B 320 20.09 -6.00 15.36
N ARG B 321 19.67 -4.79 14.98
CA ARG B 321 19.49 -3.73 15.97
C ARG B 321 18.21 -3.97 16.78
N ALA B 322 17.15 -4.44 16.15
CA ALA B 322 15.92 -4.73 16.87
C ALA B 322 15.56 -6.19 16.69
N ASP B 323 14.93 -6.77 17.71
CA ASP B 323 14.45 -8.13 17.61
C ASP B 323 12.91 -8.15 17.58
N TYR B 324 12.35 -9.10 16.82
CA TYR B 324 10.90 -9.16 16.70
C TYR B 324 10.47 -10.55 17.08
N VAL B 325 9.37 -10.60 17.83
CA VAL B 325 8.83 -11.81 18.40
C VAL B 325 7.34 -11.78 18.11
N SER B 326 6.65 -12.89 18.41
CA SER B 326 5.22 -12.89 18.26
C SER B 326 4.56 -13.33 19.57
N ILE B 327 3.29 -12.95 19.71
CA ILE B 327 2.49 -13.25 20.90
C ILE B 327 1.10 -13.65 20.43
N THR B 328 0.59 -14.78 20.95
CA THR B 328 -0.66 -15.29 20.43
C THR B 328 -1.86 -14.57 21.04
N ASP B 329 -3.05 -14.81 20.46
CA ASP B 329 -4.29 -14.25 20.99
C ASP B 329 -4.41 -14.53 22.49
N ASP B 330 -4.19 -15.79 22.90
CA ASP B 330 -4.42 -16.19 24.28
C ASP B 330 -3.42 -15.57 25.25
N GLU B 331 -2.14 -15.45 24.85
CA GLU B 331 -1.17 -14.71 25.67
C GLU B 331 -1.53 -13.24 25.79
N ALA B 332 -1.93 -12.63 24.68
CA ALA B 332 -2.35 -11.22 24.74
C ALA B 332 -3.54 -11.04 25.67
N LEU B 333 -4.51 -11.97 25.63
CA LEU B 333 -5.65 -11.89 26.53
C LEU B 333 -5.24 -12.06 27.99
N GLU B 334 -4.29 -12.97 28.27
CA GLU B 334 -3.83 -13.15 29.64
C GLU B 334 -3.17 -11.90 30.18
N ALA B 335 -2.39 -11.23 29.35
CA ALA B 335 -1.77 -9.98 29.77
C ALA B 335 -2.82 -8.89 29.99
N PHE B 336 -3.87 -8.89 29.17
CA PHE B 336 -4.95 -7.92 29.34
C PHE B 336 -5.57 -8.06 30.73
N LYS B 337 -5.92 -9.29 31.09
CA LYS B 337 -6.53 -9.59 32.38
C LYS B 337 -5.57 -9.24 33.52
N THR B 338 -4.31 -9.60 33.36
CA THR B 338 -3.31 -9.36 34.40
C THR B 338 -3.14 -7.86 34.69
N LEU B 339 -3.06 -7.02 33.65
CA LEU B 339 -2.86 -5.58 33.90
C LEU B 339 -4.09 -4.98 34.60
N CYS B 340 -5.28 -5.41 34.19
CA CYS B 340 -6.50 -4.92 34.81
C CYS B 340 -6.46 -5.15 36.31
N ARG B 341 -6.18 -6.41 36.72
CA ARG B 341 -6.30 -6.83 38.12
C ARG B 341 -5.13 -6.33 38.96
N HIS B 342 -3.94 -6.22 38.36
CA HIS B 342 -2.74 -5.88 39.11
C HIS B 342 -2.46 -4.40 39.16
N GLU B 343 -2.87 -3.65 38.13
CA GLU B 343 -2.53 -2.24 38.07
C GLU B 343 -3.73 -1.32 37.83
N GLY B 344 -4.93 -1.87 37.64
CA GLY B 344 -6.05 -0.99 37.49
C GLY B 344 -6.04 -0.26 36.18
N ILE B 345 -5.37 -0.84 35.18
CA ILE B 345 -5.28 -0.26 33.84
C ILE B 345 -5.80 -1.29 32.87
N ILE B 346 -6.76 -0.87 32.05
CA ILE B 346 -7.34 -1.71 31.01
C ILE B 346 -6.60 -1.38 29.72
N PRO B 347 -5.71 -2.26 29.24
CA PRO B 347 -4.90 -1.94 28.05
C PRO B 347 -5.61 -2.34 26.76
N ALA B 348 -5.27 -1.62 25.69
CA ALA B 348 -5.68 -2.05 24.36
C ALA B 348 -5.20 -3.48 24.11
N LEU B 349 -6.02 -4.28 23.45
CA LEU B 349 -5.57 -5.63 23.13
C LEU B 349 -4.34 -5.65 22.25
N GLU B 350 -4.09 -4.57 21.50
CA GLU B 350 -2.90 -4.51 20.66
C GLU B 350 -1.68 -4.45 21.54
N SER B 351 -1.64 -3.45 22.41
CA SER B 351 -0.52 -3.29 23.32
C SER B 351 -0.48 -4.41 24.34
N SER B 352 -1.58 -5.11 24.57
CA SER B 352 -1.49 -6.27 25.44
C SER B 352 -0.52 -7.32 24.90
N HIS B 353 -0.31 -7.36 23.59
CA HIS B 353 0.70 -8.24 23.01
C HIS B 353 2.08 -7.86 23.51
N ALA B 354 2.37 -6.56 23.58
CA ALA B 354 3.67 -6.13 24.07
C ALA B 354 3.84 -6.43 25.55
N LEU B 355 2.81 -6.13 26.36
CA LEU B 355 2.85 -6.48 27.77
C LEU B 355 3.02 -7.98 27.95
N ALA B 356 2.35 -8.78 27.13
CA ALA B 356 2.48 -10.22 27.25
C ALA B 356 3.92 -10.67 27.05
N HIS B 357 4.66 -10.00 26.16
CA HIS B 357 6.04 -10.41 25.99
C HIS B 357 6.91 -9.96 27.16
N ALA B 358 6.64 -8.78 27.73
CA ALA B 358 7.39 -8.41 28.94
C ALA B 358 7.09 -9.37 30.08
N LEU B 359 5.85 -9.85 30.17
CA LEU B 359 5.50 -10.79 31.23
C LEU B 359 6.22 -12.11 31.01
N LYS B 360 6.35 -12.54 29.75
CA LYS B 360 7.14 -13.72 29.44
C LYS B 360 8.59 -13.51 29.82
N MET B 361 9.13 -12.33 29.52
CA MET B 361 10.53 -12.09 29.86
C MET B 361 10.76 -12.20 31.36
N MET B 362 9.87 -11.63 32.15
CA MET B 362 10.08 -11.66 33.60
C MET B 362 9.76 -13.02 34.20
N ARG B 363 8.78 -13.73 33.66
CA ARG B 363 8.41 -15.01 34.26
C ARG B 363 9.37 -16.11 33.87
N GLU B 364 9.96 -16.02 32.67
CA GLU B 364 10.90 -17.04 32.21
C GLU B 364 12.20 -16.95 32.98
N GLN B 365 12.58 -15.74 33.39
CA GLN B 365 13.85 -15.52 34.09
C GLN B 365 13.60 -14.60 35.27
N PRO B 366 12.96 -15.11 36.32
CA PRO B 366 12.49 -14.25 37.41
C PRO B 366 13.57 -13.73 38.31
N GLU B 367 14.77 -14.30 38.27
CA GLU B 367 15.88 -13.74 39.03
C GLU B 367 16.77 -12.83 38.21
N LYS B 368 16.40 -12.58 36.95
CA LYS B 368 17.16 -11.70 36.09
C LYS B 368 16.79 -10.27 36.42
N GLU B 369 17.79 -9.46 36.77
CA GLU B 369 17.60 -8.03 37.01
C GLU B 369 17.44 -7.31 35.68
N GLN B 370 16.28 -6.67 35.46
CA GLN B 370 16.14 -6.02 34.17
C GLN B 370 15.10 -4.92 34.28
N LEU B 371 15.34 -3.87 33.50
CA LEU B 371 14.52 -2.66 33.53
C LEU B 371 13.85 -2.55 32.17
N LEU B 372 12.54 -2.79 32.14
CA LEU B 372 11.77 -2.85 30.90
C LEU B 372 10.77 -1.73 30.82
N VAL B 373 10.56 -1.18 29.61
CA VAL B 373 9.49 -0.24 29.33
C VAL B 373 8.60 -0.87 28.26
N VAL B 374 7.33 -0.97 28.56
CA VAL B 374 6.33 -1.36 27.57
C VAL B 374 5.66 -0.09 27.06
N ASN B 375 5.49 0.01 25.74
CA ASN B 375 4.77 1.16 25.21
C ASN B 375 3.30 0.81 25.29
N LEU B 376 2.55 1.47 26.18
CA LEU B 376 1.11 1.19 26.25
C LEU B 376 0.41 2.11 25.24
N ALA B 377 0.33 1.62 24.01
CA ALA B 377 -0.04 2.49 22.89
C ALA B 377 -1.53 2.86 22.87
N GLY B 378 -2.39 2.13 23.59
CA GLY B 378 -3.75 2.63 23.74
C GLY B 378 -4.45 1.98 24.92
N ARG B 379 -5.62 2.53 25.24
CA ARG B 379 -6.49 1.99 26.28
C ARG B 379 -7.46 0.98 25.67
N GLY B 380 -7.92 0.04 26.50
CA GLY B 380 -8.67 -1.10 26.01
C GLY B 380 -10.16 -1.06 26.28
N ASP B 381 -10.68 0.13 26.64
CA ASP B 381 -12.12 0.36 26.72
C ASP B 381 -12.83 -0.21 25.49
N LYS B 382 -12.28 0.03 24.31
CA LYS B 382 -12.87 -0.43 23.06
C LYS B 382 -12.91 -1.94 22.96
N ASP B 383 -12.15 -2.65 23.78
CA ASP B 383 -12.00 -4.09 23.68
C ASP B 383 -12.85 -4.86 24.68
N ILE B 384 -13.61 -4.18 25.56
CA ILE B 384 -14.21 -4.91 26.66
C ILE B 384 -15.36 -5.79 26.18
N PHE B 385 -16.03 -5.42 25.09
CA PHE B 385 -17.08 -6.31 24.59
C PHE B 385 -16.49 -7.58 24.00
N THR B 386 -15.37 -7.46 23.27
CA THR B 386 -14.66 -8.62 22.76
C THR B 386 -14.21 -9.53 23.90
N VAL B 387 -13.55 -8.94 24.91
CA VAL B 387 -13.04 -9.74 26.02
C VAL B 387 -14.20 -10.36 26.78
N HIS B 388 -15.30 -9.63 26.93
CA HIS B 388 -16.49 -10.16 27.58
C HIS B 388 -17.00 -11.40 26.84
N ASP B 389 -17.14 -11.31 25.52
CA ASP B 389 -17.73 -12.42 24.78
C ASP B 389 -16.79 -13.61 24.73
N ILE B 390 -15.48 -13.37 24.78
CA ILE B 390 -14.53 -14.48 24.85
C ILE B 390 -14.65 -15.20 26.19
N LEU B 391 -14.53 -14.44 27.28
CA LEU B 391 -14.59 -15.04 28.61
C LEU B 391 -15.91 -15.78 28.81
N LYS B 392 -17.00 -15.26 28.25
CA LYS B 392 -18.29 -15.92 28.38
C LYS B 392 -18.33 -17.20 27.55
N ALA B 393 -17.78 -17.16 26.33
CA ALA B 393 -17.73 -18.36 25.49
C ALA B 393 -16.97 -19.48 26.18
N ARG B 394 -15.95 -19.15 26.97
CA ARG B 394 -15.17 -20.14 27.72
C ARG B 394 -15.73 -20.37 29.11
N GLY B 395 -16.96 -19.96 29.37
CA GLY B 395 -17.59 -20.20 30.67
C GLY B 395 -16.88 -19.55 31.84
N GLU B 396 -16.35 -18.34 31.63
CA GLU B 396 -15.70 -17.60 32.70
C GLU B 396 -16.49 -16.35 33.04
#